data_1UXC
# 
_entry.id   1UXC 
# 
_audit_conform.dict_name       mmcif_pdbx.dic 
_audit_conform.dict_version    5.391 
_audit_conform.dict_location   http://mmcif.pdb.org/dictionaries/ascii/mmcif_pdbx.dic 
# 
loop_
_database_2.database_id 
_database_2.database_code 
_database_2.pdbx_database_accession 
_database_2.pdbx_DOI 
PDB   1UXC         pdb_00001uxc 10.2210/pdb1uxc/pdb 
WWPDB D_1000176992 ?            ?                   
# 
loop_
_pdbx_audit_revision_history.ordinal 
_pdbx_audit_revision_history.data_content_type 
_pdbx_audit_revision_history.major_revision 
_pdbx_audit_revision_history.minor_revision 
_pdbx_audit_revision_history.revision_date 
1 'Structure model' 1 0 1997-04-21 
2 'Structure model' 1 1 2008-03-24 
3 'Structure model' 1 2 2011-07-13 
4 'Structure model' 1 3 2017-11-29 
5 'Structure model' 1 4 2024-05-01 
# 
_pdbx_audit_revision_details.ordinal             1 
_pdbx_audit_revision_details.revision_ordinal    1 
_pdbx_audit_revision_details.data_content_type   'Structure model' 
_pdbx_audit_revision_details.provider            repository 
_pdbx_audit_revision_details.type                'Initial release' 
_pdbx_audit_revision_details.description         ? 
_pdbx_audit_revision_details.details             ? 
# 
loop_
_pdbx_audit_revision_group.ordinal 
_pdbx_audit_revision_group.revision_ordinal 
_pdbx_audit_revision_group.data_content_type 
_pdbx_audit_revision_group.group 
1 2 'Structure model' 'Version format compliance' 
2 3 'Structure model' 'Source and taxonomy'       
3 3 'Structure model' 'Version format compliance' 
4 4 'Structure model' 'Derived calculations'      
5 4 'Structure model' Other                       
6 5 'Structure model' 'Data collection'           
7 5 'Structure model' 'Database references'       
# 
loop_
_pdbx_audit_revision_category.ordinal 
_pdbx_audit_revision_category.revision_ordinal 
_pdbx_audit_revision_category.data_content_type 
_pdbx_audit_revision_category.category 
1 4 'Structure model' pdbx_database_status 
2 4 'Structure model' struct_conf          
3 4 'Structure model' struct_conf_type     
4 5 'Structure model' chem_comp_atom       
5 5 'Structure model' chem_comp_bond       
6 5 'Structure model' database_2           
# 
loop_
_pdbx_audit_revision_item.ordinal 
_pdbx_audit_revision_item.revision_ordinal 
_pdbx_audit_revision_item.data_content_type 
_pdbx_audit_revision_item.item 
1 4 'Structure model' '_pdbx_database_status.process_site'  
2 5 'Structure model' '_database_2.pdbx_DOI'                
3 5 'Structure model' '_database_2.pdbx_database_accession' 
# 
_pdbx_database_status.status_code                     REL 
_pdbx_database_status.entry_id                        1UXC 
_pdbx_database_status.recvd_initial_deposition_date   1996-12-26 
_pdbx_database_status.deposit_site                    ? 
_pdbx_database_status.process_site                    BNL 
_pdbx_database_status.status_code_sf                  ? 
_pdbx_database_status.status_code_mr                  REL 
_pdbx_database_status.SG_entry                        ? 
_pdbx_database_status.pdb_format_compatible           Y 
_pdbx_database_status.status_code_cs                  ? 
_pdbx_database_status.methods_development_category    ? 
_pdbx_database_status.status_code_nmr_data            ? 
# 
_pdbx_database_related.db_name        PDB 
_pdbx_database_related.db_id          1UXD 
_pdbx_database_related.details        . 
_pdbx_database_related.content_type   ensemble 
# 
loop_
_audit_author.name 
_audit_author.pdbx_ordinal 
'Penin, F.'        1  
'Geourjon, C.'     2  
'Montserret, R.'   3  
'Bockmann, A.'     4  
'Lesage, A.'       5  
'Yang, Y.'         6  
'Bonod-Bidaud, C.' 7  
'Cortay, J.C.'     8  
'Negre, D.'        9  
'Cozzone, A.J.'    10 
'Deleage, G.'      11 
# 
loop_
_citation.id 
_citation.title 
_citation.journal_abbrev 
_citation.journal_volume 
_citation.page_first 
_citation.page_last 
_citation.year 
_citation.journal_id_ASTM 
_citation.country 
_citation.journal_id_ISSN 
_citation.journal_id_CSD 
_citation.book_publisher 
_citation.pdbx_database_id_PubMed 
_citation.pdbx_database_id_DOI 
primary 'Three-dimensional structure of the DNA-binding domain of the fructose repressor from Escherichia coli by 1H and 15N NMR.' 
J.Mol.Biol.  270 496 510 1997 JMOBAK UK 0022-2836 0070 ? 9237914 10.1006/jmbi.1997.1123 
1       
;Rapid Estimation of Relative Amide Proton Exchange Rates of 15 N-Labelled Proteins by a Straightforward Water Selective Noesy-Hsqc Experiment
;
'FEBS Lett.' 383 191 ?   1996 FEBLAL NE 0014-5793 0165 ? ?       ?                      
2       
;Overproduction, Purification and Structural Characterization of the Functional N-Terminal DNA-Binding Domain of the Fru Repressor from Escherichia Coli K-12
;
Gene         153 9   ?   1995 GENED6 NE 0378-1119 0861 ? ?       ?                      
# 
loop_
_citation_author.citation_id 
_citation_author.name 
_citation_author.ordinal 
_citation_author.identifier_ORCID 
primary 'Penin, F.'        1  ? 
primary 'Geourjon, C.'     2  ? 
primary 'Montserret, R.'   3  ? 
primary 'Bockmann, A.'     4  ? 
primary 'Lesage, A.'       5  ? 
primary 'Yang, Y.S.'       6  ? 
primary 'Bonod-Bidaud, C.' 7  ? 
primary 'Cortay, J.C.'     8  ? 
primary 'Negre, D.'        9  ? 
primary 'Cozzone, A.J.'    10 ? 
primary 'Deleage, G.'      11 ? 
1       'Bockmann, A.'     12 ? 
1       'Penin, F.'        13 ? 
1       'Guittet, E.'      14 ? 
2       'Scarabel, M.'     15 ? 
2       'Penin, F.'        16 ? 
2       'Bonod-Bidaud, C.' 17 ? 
2       'Negre, D.'        18 ? 
2       'Cozzone, A.J.'    19 ? 
2       'Cortay, J.C.'     20 ? 
# 
_entity.id                         1 
_entity.type                       polymer 
_entity.src_method                 man 
_entity.pdbx_description           'FRUCTOSE REPRESSOR' 
_entity.formula_weight             7396.483 
_entity.pdbx_number_of_molecules   1 
_entity.pdbx_ec                    ? 
_entity.pdbx_mutation              'INS(58-65), CLONING ARTIFACTS' 
_entity.pdbx_fragment              'DNA-BINDING DOMAIN, RESIDUES 1 - 57, WITH LQHHHHHH ADDED AT C-TERMINUS' 
_entity.details                    ? 
# 
_entity_name_com.entity_id   1 
_entity_name_com.name        'FRUR (1-57)' 
# 
_entity_poly.entity_id                      1 
_entity_poly.type                           'polypeptide(L)' 
_entity_poly.nstd_linkage                   no 
_entity_poly.nstd_monomer                   no 
_entity_poly.pdbx_seq_one_letter_code       MKLDEIARLAGVSRTTASYVINGKAKQYRVSDKTVEKVMAVVREHNYHPNAVAAGLRLQHHHHHH 
_entity_poly.pdbx_seq_one_letter_code_can   MKLDEIARLAGVSRTTASYVINGKAKQYRVSDKTVEKVMAVVREHNYHPNAVAAGLRLQHHHHHH 
_entity_poly.pdbx_strand_id                 A 
_entity_poly.pdbx_target_identifier         ? 
# 
loop_
_entity_poly_seq.entity_id 
_entity_poly_seq.num 
_entity_poly_seq.mon_id 
_entity_poly_seq.hetero 
1 1  MET n 
1 2  LYS n 
1 3  LEU n 
1 4  ASP n 
1 5  GLU n 
1 6  ILE n 
1 7  ALA n 
1 8  ARG n 
1 9  LEU n 
1 10 ALA n 
1 11 GLY n 
1 12 VAL n 
1 13 SER n 
1 14 ARG n 
1 15 THR n 
1 16 THR n 
1 17 ALA n 
1 18 SER n 
1 19 TYR n 
1 20 VAL n 
1 21 ILE n 
1 22 ASN n 
1 23 GLY n 
1 24 LYS n 
1 25 ALA n 
1 26 LYS n 
1 27 GLN n 
1 28 TYR n 
1 29 ARG n 
1 30 VAL n 
1 31 SER n 
1 32 ASP n 
1 33 LYS n 
1 34 THR n 
1 35 VAL n 
1 36 GLU n 
1 37 LYS n 
1 38 VAL n 
1 39 MET n 
1 40 ALA n 
1 41 VAL n 
1 42 VAL n 
1 43 ARG n 
1 44 GLU n 
1 45 HIS n 
1 46 ASN n 
1 47 TYR n 
1 48 HIS n 
1 49 PRO n 
1 50 ASN n 
1 51 ALA n 
1 52 VAL n 
1 53 ALA n 
1 54 ALA n 
1 55 GLY n 
1 56 LEU n 
1 57 ARG n 
1 58 LEU n 
1 59 GLN n 
1 60 HIS n 
1 61 HIS n 
1 62 HIS n 
1 63 HIS n 
1 64 HIS n 
1 65 HIS n 
# 
_entity_src_gen.entity_id                          1 
_entity_src_gen.pdbx_src_id                        1 
_entity_src_gen.pdbx_alt_source_flag               sample 
_entity_src_gen.pdbx_seq_type                      ? 
_entity_src_gen.pdbx_beg_seq_num                   ? 
_entity_src_gen.pdbx_end_seq_num                   ? 
_entity_src_gen.gene_src_common_name               ? 
_entity_src_gen.gene_src_genus                     Escherichia 
_entity_src_gen.pdbx_gene_src_gene                 ? 
_entity_src_gen.gene_src_species                   'Escherichia coli' 
_entity_src_gen.gene_src_strain                    K12 
_entity_src_gen.gene_src_tissue                    ? 
_entity_src_gen.gene_src_tissue_fraction           ? 
_entity_src_gen.gene_src_details                   ? 
_entity_src_gen.pdbx_gene_src_fragment             ? 
_entity_src_gen.pdbx_gene_src_scientific_name      'Escherichia coli' 
_entity_src_gen.pdbx_gene_src_ncbi_taxonomy_id     83333 
_entity_src_gen.pdbx_gene_src_variant              K12 
_entity_src_gen.pdbx_gene_src_cell_line            ? 
_entity_src_gen.pdbx_gene_src_atcc                 ? 
_entity_src_gen.pdbx_gene_src_organ                ? 
_entity_src_gen.pdbx_gene_src_organelle            ? 
_entity_src_gen.pdbx_gene_src_cell                 ? 
_entity_src_gen.pdbx_gene_src_cellular_location    ? 
_entity_src_gen.host_org_common_name               ? 
_entity_src_gen.pdbx_host_org_scientific_name      'Escherichia coli' 
_entity_src_gen.pdbx_host_org_ncbi_taxonomy_id     562 
_entity_src_gen.host_org_genus                     Escherichia 
_entity_src_gen.pdbx_host_org_gene                 FRUR1 
_entity_src_gen.pdbx_host_org_organ                ? 
_entity_src_gen.host_org_species                   ? 
_entity_src_gen.pdbx_host_org_tissue               ? 
_entity_src_gen.pdbx_host_org_tissue_fraction      ? 
_entity_src_gen.pdbx_host_org_strain               ? 
_entity_src_gen.pdbx_host_org_variant              ? 
_entity_src_gen.pdbx_host_org_cell_line            ? 
_entity_src_gen.pdbx_host_org_atcc                 ? 
_entity_src_gen.pdbx_host_org_culture_collection   ? 
_entity_src_gen.pdbx_host_org_cell                 ? 
_entity_src_gen.pdbx_host_org_organelle            ? 
_entity_src_gen.pdbx_host_org_cellular_location    ? 
_entity_src_gen.pdbx_host_org_vector_type          ? 
_entity_src_gen.pdbx_host_org_vector               ? 
_entity_src_gen.host_org_details                   ? 
_entity_src_gen.expression_system_id               ? 
_entity_src_gen.plasmid_name                       PCB4 
_entity_src_gen.plasmid_details                    ? 
_entity_src_gen.pdbx_description                   
'OVERPRODUCED IN FUSION WITH A LQHHHHHH SEQUENCE AT C-TERMINAL END, RESIDUES 58 - 65' 
# 
loop_
_chem_comp.id 
_chem_comp.type 
_chem_comp.mon_nstd_flag 
_chem_comp.name 
_chem_comp.pdbx_synonyms 
_chem_comp.formula 
_chem_comp.formula_weight 
ALA 'L-peptide linking' y ALANINE         ? 'C3 H7 N O2'     89.093  
ARG 'L-peptide linking' y ARGININE        ? 'C6 H15 N4 O2 1' 175.209 
ASN 'L-peptide linking' y ASPARAGINE      ? 'C4 H8 N2 O3'    132.118 
ASP 'L-peptide linking' y 'ASPARTIC ACID' ? 'C4 H7 N O4'     133.103 
GLN 'L-peptide linking' y GLUTAMINE       ? 'C5 H10 N2 O3'   146.144 
GLU 'L-peptide linking' y 'GLUTAMIC ACID' ? 'C5 H9 N O4'     147.129 
GLY 'peptide linking'   y GLYCINE         ? 'C2 H5 N O2'     75.067  
HIS 'L-peptide linking' y HISTIDINE       ? 'C6 H10 N3 O2 1' 156.162 
ILE 'L-peptide linking' y ISOLEUCINE      ? 'C6 H13 N O2'    131.173 
LEU 'L-peptide linking' y LEUCINE         ? 'C6 H13 N O2'    131.173 
LYS 'L-peptide linking' y LYSINE          ? 'C6 H15 N2 O2 1' 147.195 
MET 'L-peptide linking' y METHIONINE      ? 'C5 H11 N O2 S'  149.211 
PRO 'L-peptide linking' y PROLINE         ? 'C5 H9 N O2'     115.130 
SER 'L-peptide linking' y SERINE          ? 'C3 H7 N O3'     105.093 
THR 'L-peptide linking' y THREONINE       ? 'C4 H9 N O3'     119.119 
TYR 'L-peptide linking' y TYROSINE        ? 'C9 H11 N O3'    181.189 
VAL 'L-peptide linking' y VALINE          ? 'C5 H11 N O2'    117.146 
# 
loop_
_pdbx_poly_seq_scheme.asym_id 
_pdbx_poly_seq_scheme.entity_id 
_pdbx_poly_seq_scheme.seq_id 
_pdbx_poly_seq_scheme.mon_id 
_pdbx_poly_seq_scheme.ndb_seq_num 
_pdbx_poly_seq_scheme.pdb_seq_num 
_pdbx_poly_seq_scheme.auth_seq_num 
_pdbx_poly_seq_scheme.pdb_mon_id 
_pdbx_poly_seq_scheme.auth_mon_id 
_pdbx_poly_seq_scheme.pdb_strand_id 
_pdbx_poly_seq_scheme.pdb_ins_code 
_pdbx_poly_seq_scheme.hetero 
A 1 1  MET 1  1  1  MET MET A . n 
A 1 2  LYS 2  2  2  LYS LYS A . n 
A 1 3  LEU 3  3  3  LEU LEU A . n 
A 1 4  ASP 4  4  4  ASP ASP A . n 
A 1 5  GLU 5  5  5  GLU GLU A . n 
A 1 6  ILE 6  6  6  ILE ILE A . n 
A 1 7  ALA 7  7  7  ALA ALA A . n 
A 1 8  ARG 8  8  8  ARG ARG A . n 
A 1 9  LEU 9  9  9  LEU LEU A . n 
A 1 10 ALA 10 10 10 ALA ALA A . n 
A 1 11 GLY 11 11 11 GLY GLY A . n 
A 1 12 VAL 12 12 12 VAL VAL A . n 
A 1 13 SER 13 13 13 SER SER A . n 
A 1 14 ARG 14 14 14 ARG ARG A . n 
A 1 15 THR 15 15 15 THR THR A . n 
A 1 16 THR 16 16 16 THR THR A . n 
A 1 17 ALA 17 17 17 ALA ALA A . n 
A 1 18 SER 18 18 18 SER SER A . n 
A 1 19 TYR 19 19 19 TYR TYR A . n 
A 1 20 VAL 20 20 20 VAL VAL A . n 
A 1 21 ILE 21 21 21 ILE ILE A . n 
A 1 22 ASN 22 22 22 ASN ASN A . n 
A 1 23 GLY 23 23 23 GLY GLY A . n 
A 1 24 LYS 24 24 24 LYS LYS A . n 
A 1 25 ALA 25 25 25 ALA ALA A . n 
A 1 26 LYS 26 26 26 LYS LYS A . n 
A 1 27 GLN 27 27 27 GLN GLN A . n 
A 1 28 TYR 28 28 28 TYR TYR A . n 
A 1 29 ARG 29 29 29 ARG ARG A . n 
A 1 30 VAL 30 30 30 VAL VAL A . n 
A 1 31 SER 31 31 31 SER SER A . n 
A 1 32 ASP 32 32 32 ASP ASP A . n 
A 1 33 LYS 33 33 33 LYS LYS A . n 
A 1 34 THR 34 34 34 THR THR A . n 
A 1 35 VAL 35 35 35 VAL VAL A . n 
A 1 36 GLU 36 36 36 GLU GLU A . n 
A 1 37 LYS 37 37 37 LYS LYS A . n 
A 1 38 VAL 38 38 38 VAL VAL A . n 
A 1 39 MET 39 39 39 MET MET A . n 
A 1 40 ALA 40 40 40 ALA ALA A . n 
A 1 41 VAL 41 41 41 VAL VAL A . n 
A 1 42 VAL 42 42 42 VAL VAL A . n 
A 1 43 ARG 43 43 43 ARG ARG A . n 
A 1 44 GLU 44 44 44 GLU GLU A . n 
A 1 45 HIS 45 45 45 HIS HIS A . n 
A 1 46 ASN 46 46 46 ASN ASN A . n 
A 1 47 TYR 47 47 47 TYR TYR A . n 
A 1 48 HIS 48 48 48 HIS HIS A . n 
A 1 49 PRO 49 49 49 PRO PRO A . n 
A 1 50 ASN 50 50 50 ASN ASN A . n 
A 1 51 ALA 51 51 ?  ?   ?   A . n 
A 1 52 VAL 52 52 ?  ?   ?   A . n 
A 1 53 ALA 53 53 ?  ?   ?   A . n 
A 1 54 ALA 54 54 ?  ?   ?   A . n 
A 1 55 GLY 55 55 ?  ?   ?   A . n 
A 1 56 LEU 56 56 ?  ?   ?   A . n 
A 1 57 ARG 57 57 ?  ?   ?   A . n 
A 1 58 LEU 58 58 ?  ?   ?   A . n 
A 1 59 GLN 59 59 ?  ?   ?   A . n 
A 1 60 HIS 60 60 ?  ?   ?   A . n 
A 1 61 HIS 61 61 ?  ?   ?   A . n 
A 1 62 HIS 62 62 ?  ?   ?   A . n 
A 1 63 HIS 63 63 ?  ?   ?   A . n 
A 1 64 HIS 64 64 ?  ?   ?   A . n 
A 1 65 HIS 65 65 ?  ?   ?   A . n 
# 
loop_
_software.name 
_software.classification 
_software.version 
_software.citation_id 
_software.pdbx_ordinal 
X-PLOR 'model building' 3.1 ? 1 
X-PLOR refinement       3.1 ? 2 
X-PLOR phasing          3.1 ? 3 
# 
_cell.entry_id           1UXC 
_cell.length_a           1.000 
_cell.length_b           1.000 
_cell.length_c           1.000 
_cell.angle_alpha        90.00 
_cell.angle_beta         90.00 
_cell.angle_gamma        90.00 
_cell.Z_PDB              1 
_cell.pdbx_unique_axis   ? 
# 
_symmetry.entry_id                         1UXC 
_symmetry.space_group_name_H-M             'P 1' 
_symmetry.pdbx_full_space_group_name_H-M   ? 
_symmetry.cell_setting                     ? 
_symmetry.Int_Tables_number                1 
# 
_exptl.entry_id          1UXC 
_exptl.method            'SOLUTION NMR' 
_exptl.crystals_number   ? 
# 
_struct.entry_id                  1UXC 
_struct.title                     'FRUCTOSE REPRESSOR DNA-BINDING DOMAIN, NMR, MINIMIZED STRUCTURE' 
_struct.pdbx_model_details        ? 
_struct.pdbx_CASP_flag            ? 
_struct.pdbx_model_type_details   ? 
# 
_struct_keywords.entry_id        1UXC 
_struct_keywords.pdbx_keywords   'TRANSCRIPTION REGULATION' 
_struct_keywords.text            'DNA-BINDING PROTEIN, FRUCTOSE REPRESSOR, LACI FAMILY, TRANSCRIPTION REGULATION' 
# 
_struct_asym.id                            A 
_struct_asym.pdbx_blank_PDB_chainid_flag   Y 
_struct_asym.pdbx_modified                 N 
_struct_asym.entity_id                     1 
_struct_asym.details                       ? 
# 
_struct_ref.id                         1 
_struct_ref.db_name                    UNP 
_struct_ref.db_code                    FRUR_ECOLI 
_struct_ref.entity_id                  1 
_struct_ref.pdbx_db_accession          P0ACP1 
_struct_ref.pdbx_align_begin           1 
_struct_ref.pdbx_seq_one_letter_code   
;MKLDEIARLAGVSRTTASYVINGKAKQYRVSDKTVEKVMAVVREHNYHPNAVAAGLRAGRTRSIGLVIPDLENTSYTRIA
NYLERQARQRGYQLLIACSEDQPDNEMRCIEHLLQRQVDAIIVSTSLPPEHPFYQRWANDPFPIVALDRALDREHFTSVV
GADQDDAEMLAEELRKFPAETVLYLGALPELSVSFLREQGFRTAWKDDPREVHFLYANSYEREAAAQLFEKWLETHPMPQ
ALFTTSFALLQGVMDVTLRRDGKLPSDLAIATFGDNELLDFLQCPVLAVAQRHRDVAERVLEIVLASLDEPRKPKPGLTR
IKRNLYRRGVLSRS
;
_struct_ref.pdbx_db_isoform            ? 
# 
_struct_ref_seq.align_id                      1 
_struct_ref_seq.ref_id                        1 
_struct_ref_seq.pdbx_PDB_id_code              1UXC 
_struct_ref_seq.pdbx_strand_id                A 
_struct_ref_seq.seq_align_beg                 1 
_struct_ref_seq.pdbx_seq_align_beg_ins_code   ? 
_struct_ref_seq.seq_align_end                 57 
_struct_ref_seq.pdbx_seq_align_end_ins_code   ? 
_struct_ref_seq.pdbx_db_accession             P0ACP1 
_struct_ref_seq.db_align_beg                  1 
_struct_ref_seq.pdbx_db_align_beg_ins_code    ? 
_struct_ref_seq.db_align_end                  57 
_struct_ref_seq.pdbx_db_align_end_ins_code    ? 
_struct_ref_seq.pdbx_auth_seq_align_beg       1 
_struct_ref_seq.pdbx_auth_seq_align_end       57 
# 
_pdbx_struct_assembly.id                   1 
_pdbx_struct_assembly.details              author_defined_assembly 
_pdbx_struct_assembly.method_details       ? 
_pdbx_struct_assembly.oligomeric_details   monomeric 
_pdbx_struct_assembly.oligomeric_count     1 
# 
_pdbx_struct_assembly_gen.assembly_id       1 
_pdbx_struct_assembly_gen.oper_expression   1 
_pdbx_struct_assembly_gen.asym_id_list      A 
# 
_pdbx_struct_oper_list.id                   1 
_pdbx_struct_oper_list.type                 'identity operation' 
_pdbx_struct_oper_list.name                 1_555 
_pdbx_struct_oper_list.symmetry_operation   x,y,z 
_pdbx_struct_oper_list.matrix[1][1]         1.0000000000 
_pdbx_struct_oper_list.matrix[1][2]         0.0000000000 
_pdbx_struct_oper_list.matrix[1][3]         0.0000000000 
_pdbx_struct_oper_list.vector[1]            0.0000000000 
_pdbx_struct_oper_list.matrix[2][1]         0.0000000000 
_pdbx_struct_oper_list.matrix[2][2]         1.0000000000 
_pdbx_struct_oper_list.matrix[2][3]         0.0000000000 
_pdbx_struct_oper_list.vector[2]            0.0000000000 
_pdbx_struct_oper_list.matrix[3][1]         0.0000000000 
_pdbx_struct_oper_list.matrix[3][2]         0.0000000000 
_pdbx_struct_oper_list.matrix[3][3]         1.0000000000 
_pdbx_struct_oper_list.vector[3]            0.0000000000 
# 
_struct_biol.id   1 
# 
loop_
_struct_conf.conf_type_id 
_struct_conf.id 
_struct_conf.pdbx_PDB_helix_id 
_struct_conf.beg_label_comp_id 
_struct_conf.beg_label_asym_id 
_struct_conf.beg_label_seq_id 
_struct_conf.pdbx_beg_PDB_ins_code 
_struct_conf.end_label_comp_id 
_struct_conf.end_label_asym_id 
_struct_conf.end_label_seq_id 
_struct_conf.pdbx_end_PDB_ins_code 
_struct_conf.beg_auth_comp_id 
_struct_conf.beg_auth_asym_id 
_struct_conf.beg_auth_seq_id 
_struct_conf.end_auth_comp_id 
_struct_conf.end_auth_asym_id 
_struct_conf.end_auth_seq_id 
_struct_conf.pdbx_PDB_helix_class 
_struct_conf.details 
_struct_conf.pdbx_PDB_helix_length 
HELX_P HELX_P1 1 LEU A 3  ? ALA A 10 ? LEU A 3  ALA A 10 1 ? 8  
HELX_P HELX_P2 2 ARG A 14 ? ASN A 22 ? ARG A 14 ASN A 22 1 ? 9  
HELX_P HELX_P3 3 LYS A 33 ? HIS A 45 ? LYS A 33 HIS A 45 1 ? 13 
# 
_struct_conf_type.id          HELX_P 
_struct_conf_type.criteria    ? 
_struct_conf_type.reference   ? 
# 
_struct_site.id                   HTH 
_struct_site.pdbx_evidence_code   Unknown 
_struct_site.pdbx_auth_asym_id    ? 
_struct_site.pdbx_auth_comp_id    ? 
_struct_site.pdbx_auth_seq_id     ? 
_struct_site.pdbx_auth_ins_code   ? 
_struct_site.pdbx_num_residues    20 
_struct_site.details              'HTH_LACI FAMILY.' 
# 
loop_
_struct_site_gen.id 
_struct_site_gen.site_id 
_struct_site_gen.pdbx_num_res 
_struct_site_gen.label_comp_id 
_struct_site_gen.label_asym_id 
_struct_site_gen.label_seq_id 
_struct_site_gen.pdbx_auth_ins_code 
_struct_site_gen.auth_comp_id 
_struct_site_gen.auth_asym_id 
_struct_site_gen.auth_seq_id 
_struct_site_gen.label_atom_id 
_struct_site_gen.label_alt_id 
_struct_site_gen.symmetry 
_struct_site_gen.details 
1  HTH 20 LEU A 3  ? LEU A 3  . ? 1_555 ? 
2  HTH 20 ASP A 4  ? ASP A 4  . ? 1_555 ? 
3  HTH 20 GLU A 5  ? GLU A 5  . ? 1_555 ? 
4  HTH 20 ILE A 6  ? ILE A 6  . ? 1_555 ? 
5  HTH 20 ALA A 7  ? ALA A 7  . ? 1_555 ? 
6  HTH 20 ARG A 8  ? ARG A 8  . ? 1_555 ? 
7  HTH 20 LEU A 9  ? LEU A 9  . ? 1_555 ? 
8  HTH 20 ALA A 10 ? ALA A 10 . ? 1_555 ? 
9  HTH 20 GLY A 11 ? GLY A 11 . ? 1_555 ? 
10 HTH 20 VAL A 12 ? VAL A 12 . ? 1_555 ? 
11 HTH 20 SER A 13 ? SER A 13 . ? 1_555 ? 
12 HTH 20 ARG A 14 ? ARG A 14 . ? 1_555 ? 
13 HTH 20 THR A 15 ? THR A 15 . ? 1_555 ? 
14 HTH 20 THR A 16 ? THR A 16 . ? 1_555 ? 
15 HTH 20 ALA A 17 ? ALA A 17 . ? 1_555 ? 
16 HTH 20 SER A 18 ? SER A 18 . ? 1_555 ? 
17 HTH 20 TYR A 19 ? TYR A 19 . ? 1_555 ? 
18 HTH 20 VAL A 20 ? VAL A 20 . ? 1_555 ? 
19 HTH 20 ILE A 21 ? ILE A 21 . ? 1_555 ? 
20 HTH 20 ASN A 22 ? ASN A 22 . ? 1_555 ? 
# 
_pdbx_validate_close_contact.id               1 
_pdbx_validate_close_contact.PDB_model_num    1 
_pdbx_validate_close_contact.auth_atom_id_1   O 
_pdbx_validate_close_contact.auth_asym_id_1   A 
_pdbx_validate_close_contact.auth_comp_id_1   THR 
_pdbx_validate_close_contact.auth_seq_id_1    34 
_pdbx_validate_close_contact.PDB_ins_code_1   ? 
_pdbx_validate_close_contact.label_alt_id_1   ? 
_pdbx_validate_close_contact.auth_atom_id_2   H 
_pdbx_validate_close_contact.auth_asym_id_2   A 
_pdbx_validate_close_contact.auth_comp_id_2   VAL 
_pdbx_validate_close_contact.auth_seq_id_2    38 
_pdbx_validate_close_contact.PDB_ins_code_2   ? 
_pdbx_validate_close_contact.label_alt_id_2   ? 
_pdbx_validate_close_contact.dist             1.59 
# 
loop_
_pdbx_validate_torsion.id 
_pdbx_validate_torsion.PDB_model_num 
_pdbx_validate_torsion.auth_comp_id 
_pdbx_validate_torsion.auth_asym_id 
_pdbx_validate_torsion.auth_seq_id 
_pdbx_validate_torsion.PDB_ins_code 
_pdbx_validate_torsion.label_alt_id 
_pdbx_validate_torsion.phi 
_pdbx_validate_torsion.psi 
1 1 VAL A 12 ? ? -142.75 -149.63 
2 1 TYR A 28 ? ? -80.72  -99.59  
3 1 ARG A 29 ? ? -163.17 37.70   
4 1 SER A 31 ? ? -28.64  -43.00  
5 1 ASP A 32 ? ? -153.74 -39.07  
6 1 VAL A 35 ? ? -53.03  -70.17  
7 1 ASN A 46 ? ? 70.30   33.51   
# 
loop_
_pdbx_validate_planes.id 
_pdbx_validate_planes.PDB_model_num 
_pdbx_validate_planes.auth_comp_id 
_pdbx_validate_planes.auth_asym_id 
_pdbx_validate_planes.auth_seq_id 
_pdbx_validate_planes.PDB_ins_code 
_pdbx_validate_planes.label_alt_id 
_pdbx_validate_planes.rmsd 
_pdbx_validate_planes.type 
1 1 ARG A 8  ? ? 0.306 'SIDE CHAIN' 
2 1 ARG A 14 ? ? 0.297 'SIDE CHAIN' 
3 1 ARG A 29 ? ? 0.317 'SIDE CHAIN' 
4 1 ARG A 43 ? ? 0.316 'SIDE CHAIN' 
# 
_pdbx_nmr_ensemble.entry_id                             1UXC 
_pdbx_nmr_ensemble.conformers_calculated_total_number   ? 
_pdbx_nmr_ensemble.conformers_submitted_total_number    1 
_pdbx_nmr_ensemble.conformer_selection_criteria         ? 
# 
_pdbx_nmr_exptl_sample_conditions.conditions_id       1 
_pdbx_nmr_exptl_sample_conditions.temperature         293 
_pdbx_nmr_exptl_sample_conditions.pressure            ? 
_pdbx_nmr_exptl_sample_conditions.pH                  5.9 
_pdbx_nmr_exptl_sample_conditions.ionic_strength      ? 
_pdbx_nmr_exptl_sample_conditions.pressure_units      . 
_pdbx_nmr_exptl_sample_conditions.temperature_units   K 
# 
_pdbx_nmr_software.classification   refinement 
_pdbx_nmr_software.name             X-PLOR 
_pdbx_nmr_software.version          3.1 
_pdbx_nmr_software.authors          BRUNGER 
_pdbx_nmr_software.ordinal          1 
# 
loop_
_pdbx_unobs_or_zero_occ_residues.id 
_pdbx_unobs_or_zero_occ_residues.PDB_model_num 
_pdbx_unobs_or_zero_occ_residues.polymer_flag 
_pdbx_unobs_or_zero_occ_residues.occupancy_flag 
_pdbx_unobs_or_zero_occ_residues.auth_asym_id 
_pdbx_unobs_or_zero_occ_residues.auth_comp_id 
_pdbx_unobs_or_zero_occ_residues.auth_seq_id 
_pdbx_unobs_or_zero_occ_residues.PDB_ins_code 
_pdbx_unobs_or_zero_occ_residues.label_asym_id 
_pdbx_unobs_or_zero_occ_residues.label_comp_id 
_pdbx_unobs_or_zero_occ_residues.label_seq_id 
1  1 Y 1 A ALA 51 ? A ALA 51 
2  1 Y 1 A VAL 52 ? A VAL 52 
3  1 Y 1 A ALA 53 ? A ALA 53 
4  1 Y 1 A ALA 54 ? A ALA 54 
5  1 Y 1 A GLY 55 ? A GLY 55 
6  1 Y 1 A LEU 56 ? A LEU 56 
7  1 Y 1 A ARG 57 ? A ARG 57 
8  1 Y 1 A LEU 58 ? A LEU 58 
9  1 Y 1 A GLN 59 ? A GLN 59 
10 1 Y 1 A HIS 60 ? A HIS 60 
11 1 Y 1 A HIS 61 ? A HIS 61 
12 1 Y 1 A HIS 62 ? A HIS 62 
13 1 Y 1 A HIS 63 ? A HIS 63 
14 1 Y 1 A HIS 64 ? A HIS 64 
15 1 Y 1 A HIS 65 ? A HIS 65 
# 
loop_
_chem_comp_atom.comp_id 
_chem_comp_atom.atom_id 
_chem_comp_atom.type_symbol 
_chem_comp_atom.pdbx_aromatic_flag 
_chem_comp_atom.pdbx_stereo_config 
_chem_comp_atom.pdbx_ordinal 
ALA N    N N N 1   
ALA CA   C N S 2   
ALA C    C N N 3   
ALA O    O N N 4   
ALA CB   C N N 5   
ALA OXT  O N N 6   
ALA H    H N N 7   
ALA H2   H N N 8   
ALA HA   H N N 9   
ALA HB1  H N N 10  
ALA HB2  H N N 11  
ALA HB3  H N N 12  
ALA HXT  H N N 13  
ARG N    N N N 14  
ARG CA   C N S 15  
ARG C    C N N 16  
ARG O    O N N 17  
ARG CB   C N N 18  
ARG CG   C N N 19  
ARG CD   C N N 20  
ARG NE   N N N 21  
ARG CZ   C N N 22  
ARG NH1  N N N 23  
ARG NH2  N N N 24  
ARG OXT  O N N 25  
ARG H    H N N 26  
ARG H2   H N N 27  
ARG HA   H N N 28  
ARG HB2  H N N 29  
ARG HB3  H N N 30  
ARG HG2  H N N 31  
ARG HG3  H N N 32  
ARG HD2  H N N 33  
ARG HD3  H N N 34  
ARG HE   H N N 35  
ARG HH11 H N N 36  
ARG HH12 H N N 37  
ARG HH21 H N N 38  
ARG HH22 H N N 39  
ARG HXT  H N N 40  
ASN N    N N N 41  
ASN CA   C N S 42  
ASN C    C N N 43  
ASN O    O N N 44  
ASN CB   C N N 45  
ASN CG   C N N 46  
ASN OD1  O N N 47  
ASN ND2  N N N 48  
ASN OXT  O N N 49  
ASN H    H N N 50  
ASN H2   H N N 51  
ASN HA   H N N 52  
ASN HB2  H N N 53  
ASN HB3  H N N 54  
ASN HD21 H N N 55  
ASN HD22 H N N 56  
ASN HXT  H N N 57  
ASP N    N N N 58  
ASP CA   C N S 59  
ASP C    C N N 60  
ASP O    O N N 61  
ASP CB   C N N 62  
ASP CG   C N N 63  
ASP OD1  O N N 64  
ASP OD2  O N N 65  
ASP OXT  O N N 66  
ASP H    H N N 67  
ASP H2   H N N 68  
ASP HA   H N N 69  
ASP HB2  H N N 70  
ASP HB3  H N N 71  
ASP HD2  H N N 72  
ASP HXT  H N N 73  
GLN N    N N N 74  
GLN CA   C N S 75  
GLN C    C N N 76  
GLN O    O N N 77  
GLN CB   C N N 78  
GLN CG   C N N 79  
GLN CD   C N N 80  
GLN OE1  O N N 81  
GLN NE2  N N N 82  
GLN OXT  O N N 83  
GLN H    H N N 84  
GLN H2   H N N 85  
GLN HA   H N N 86  
GLN HB2  H N N 87  
GLN HB3  H N N 88  
GLN HG2  H N N 89  
GLN HG3  H N N 90  
GLN HE21 H N N 91  
GLN HE22 H N N 92  
GLN HXT  H N N 93  
GLU N    N N N 94  
GLU CA   C N S 95  
GLU C    C N N 96  
GLU O    O N N 97  
GLU CB   C N N 98  
GLU CG   C N N 99  
GLU CD   C N N 100 
GLU OE1  O N N 101 
GLU OE2  O N N 102 
GLU OXT  O N N 103 
GLU H    H N N 104 
GLU H2   H N N 105 
GLU HA   H N N 106 
GLU HB2  H N N 107 
GLU HB3  H N N 108 
GLU HG2  H N N 109 
GLU HG3  H N N 110 
GLU HE2  H N N 111 
GLU HXT  H N N 112 
GLY N    N N N 113 
GLY CA   C N N 114 
GLY C    C N N 115 
GLY O    O N N 116 
GLY OXT  O N N 117 
GLY H    H N N 118 
GLY H2   H N N 119 
GLY HA2  H N N 120 
GLY HA3  H N N 121 
GLY HXT  H N N 122 
HIS N    N N N 123 
HIS CA   C N S 124 
HIS C    C N N 125 
HIS O    O N N 126 
HIS CB   C N N 127 
HIS CG   C Y N 128 
HIS ND1  N Y N 129 
HIS CD2  C Y N 130 
HIS CE1  C Y N 131 
HIS NE2  N Y N 132 
HIS OXT  O N N 133 
HIS H    H N N 134 
HIS H2   H N N 135 
HIS HA   H N N 136 
HIS HB2  H N N 137 
HIS HB3  H N N 138 
HIS HD1  H N N 139 
HIS HD2  H N N 140 
HIS HE1  H N N 141 
HIS HE2  H N N 142 
HIS HXT  H N N 143 
ILE N    N N N 144 
ILE CA   C N S 145 
ILE C    C N N 146 
ILE O    O N N 147 
ILE CB   C N S 148 
ILE CG1  C N N 149 
ILE CG2  C N N 150 
ILE CD1  C N N 151 
ILE OXT  O N N 152 
ILE H    H N N 153 
ILE H2   H N N 154 
ILE HA   H N N 155 
ILE HB   H N N 156 
ILE HG12 H N N 157 
ILE HG13 H N N 158 
ILE HG21 H N N 159 
ILE HG22 H N N 160 
ILE HG23 H N N 161 
ILE HD11 H N N 162 
ILE HD12 H N N 163 
ILE HD13 H N N 164 
ILE HXT  H N N 165 
LEU N    N N N 166 
LEU CA   C N S 167 
LEU C    C N N 168 
LEU O    O N N 169 
LEU CB   C N N 170 
LEU CG   C N N 171 
LEU CD1  C N N 172 
LEU CD2  C N N 173 
LEU OXT  O N N 174 
LEU H    H N N 175 
LEU H2   H N N 176 
LEU HA   H N N 177 
LEU HB2  H N N 178 
LEU HB3  H N N 179 
LEU HG   H N N 180 
LEU HD11 H N N 181 
LEU HD12 H N N 182 
LEU HD13 H N N 183 
LEU HD21 H N N 184 
LEU HD22 H N N 185 
LEU HD23 H N N 186 
LEU HXT  H N N 187 
LYS N    N N N 188 
LYS CA   C N S 189 
LYS C    C N N 190 
LYS O    O N N 191 
LYS CB   C N N 192 
LYS CG   C N N 193 
LYS CD   C N N 194 
LYS CE   C N N 195 
LYS NZ   N N N 196 
LYS OXT  O N N 197 
LYS H    H N N 198 
LYS H2   H N N 199 
LYS HA   H N N 200 
LYS HB2  H N N 201 
LYS HB3  H N N 202 
LYS HG2  H N N 203 
LYS HG3  H N N 204 
LYS HD2  H N N 205 
LYS HD3  H N N 206 
LYS HE2  H N N 207 
LYS HE3  H N N 208 
LYS HZ1  H N N 209 
LYS HZ2  H N N 210 
LYS HZ3  H N N 211 
LYS HXT  H N N 212 
MET N    N N N 213 
MET CA   C N S 214 
MET C    C N N 215 
MET O    O N N 216 
MET CB   C N N 217 
MET CG   C N N 218 
MET SD   S N N 219 
MET CE   C N N 220 
MET OXT  O N N 221 
MET H    H N N 222 
MET H2   H N N 223 
MET HA   H N N 224 
MET HB2  H N N 225 
MET HB3  H N N 226 
MET HG2  H N N 227 
MET HG3  H N N 228 
MET HE1  H N N 229 
MET HE2  H N N 230 
MET HE3  H N N 231 
MET HXT  H N N 232 
PRO N    N N N 233 
PRO CA   C N S 234 
PRO C    C N N 235 
PRO O    O N N 236 
PRO CB   C N N 237 
PRO CG   C N N 238 
PRO CD   C N N 239 
PRO OXT  O N N 240 
PRO H    H N N 241 
PRO HA   H N N 242 
PRO HB2  H N N 243 
PRO HB3  H N N 244 
PRO HG2  H N N 245 
PRO HG3  H N N 246 
PRO HD2  H N N 247 
PRO HD3  H N N 248 
PRO HXT  H N N 249 
SER N    N N N 250 
SER CA   C N S 251 
SER C    C N N 252 
SER O    O N N 253 
SER CB   C N N 254 
SER OG   O N N 255 
SER OXT  O N N 256 
SER H    H N N 257 
SER H2   H N N 258 
SER HA   H N N 259 
SER HB2  H N N 260 
SER HB3  H N N 261 
SER HG   H N N 262 
SER HXT  H N N 263 
THR N    N N N 264 
THR CA   C N S 265 
THR C    C N N 266 
THR O    O N N 267 
THR CB   C N R 268 
THR OG1  O N N 269 
THR CG2  C N N 270 
THR OXT  O N N 271 
THR H    H N N 272 
THR H2   H N N 273 
THR HA   H N N 274 
THR HB   H N N 275 
THR HG1  H N N 276 
THR HG21 H N N 277 
THR HG22 H N N 278 
THR HG23 H N N 279 
THR HXT  H N N 280 
TYR N    N N N 281 
TYR CA   C N S 282 
TYR C    C N N 283 
TYR O    O N N 284 
TYR CB   C N N 285 
TYR CG   C Y N 286 
TYR CD1  C Y N 287 
TYR CD2  C Y N 288 
TYR CE1  C Y N 289 
TYR CE2  C Y N 290 
TYR CZ   C Y N 291 
TYR OH   O N N 292 
TYR OXT  O N N 293 
TYR H    H N N 294 
TYR H2   H N N 295 
TYR HA   H N N 296 
TYR HB2  H N N 297 
TYR HB3  H N N 298 
TYR HD1  H N N 299 
TYR HD2  H N N 300 
TYR HE1  H N N 301 
TYR HE2  H N N 302 
TYR HH   H N N 303 
TYR HXT  H N N 304 
VAL N    N N N 305 
VAL CA   C N S 306 
VAL C    C N N 307 
VAL O    O N N 308 
VAL CB   C N N 309 
VAL CG1  C N N 310 
VAL CG2  C N N 311 
VAL OXT  O N N 312 
VAL H    H N N 313 
VAL H2   H N N 314 
VAL HA   H N N 315 
VAL HB   H N N 316 
VAL HG11 H N N 317 
VAL HG12 H N N 318 
VAL HG13 H N N 319 
VAL HG21 H N N 320 
VAL HG22 H N N 321 
VAL HG23 H N N 322 
VAL HXT  H N N 323 
# 
loop_
_chem_comp_bond.comp_id 
_chem_comp_bond.atom_id_1 
_chem_comp_bond.atom_id_2 
_chem_comp_bond.value_order 
_chem_comp_bond.pdbx_aromatic_flag 
_chem_comp_bond.pdbx_stereo_config 
_chem_comp_bond.pdbx_ordinal 
ALA N   CA   sing N N 1   
ALA N   H    sing N N 2   
ALA N   H2   sing N N 3   
ALA CA  C    sing N N 4   
ALA CA  CB   sing N N 5   
ALA CA  HA   sing N N 6   
ALA C   O    doub N N 7   
ALA C   OXT  sing N N 8   
ALA CB  HB1  sing N N 9   
ALA CB  HB2  sing N N 10  
ALA CB  HB3  sing N N 11  
ALA OXT HXT  sing N N 12  
ARG N   CA   sing N N 13  
ARG N   H    sing N N 14  
ARG N   H2   sing N N 15  
ARG CA  C    sing N N 16  
ARG CA  CB   sing N N 17  
ARG CA  HA   sing N N 18  
ARG C   O    doub N N 19  
ARG C   OXT  sing N N 20  
ARG CB  CG   sing N N 21  
ARG CB  HB2  sing N N 22  
ARG CB  HB3  sing N N 23  
ARG CG  CD   sing N N 24  
ARG CG  HG2  sing N N 25  
ARG CG  HG3  sing N N 26  
ARG CD  NE   sing N N 27  
ARG CD  HD2  sing N N 28  
ARG CD  HD3  sing N N 29  
ARG NE  CZ   sing N N 30  
ARG NE  HE   sing N N 31  
ARG CZ  NH1  sing N N 32  
ARG CZ  NH2  doub N N 33  
ARG NH1 HH11 sing N N 34  
ARG NH1 HH12 sing N N 35  
ARG NH2 HH21 sing N N 36  
ARG NH2 HH22 sing N N 37  
ARG OXT HXT  sing N N 38  
ASN N   CA   sing N N 39  
ASN N   H    sing N N 40  
ASN N   H2   sing N N 41  
ASN CA  C    sing N N 42  
ASN CA  CB   sing N N 43  
ASN CA  HA   sing N N 44  
ASN C   O    doub N N 45  
ASN C   OXT  sing N N 46  
ASN CB  CG   sing N N 47  
ASN CB  HB2  sing N N 48  
ASN CB  HB3  sing N N 49  
ASN CG  OD1  doub N N 50  
ASN CG  ND2  sing N N 51  
ASN ND2 HD21 sing N N 52  
ASN ND2 HD22 sing N N 53  
ASN OXT HXT  sing N N 54  
ASP N   CA   sing N N 55  
ASP N   H    sing N N 56  
ASP N   H2   sing N N 57  
ASP CA  C    sing N N 58  
ASP CA  CB   sing N N 59  
ASP CA  HA   sing N N 60  
ASP C   O    doub N N 61  
ASP C   OXT  sing N N 62  
ASP CB  CG   sing N N 63  
ASP CB  HB2  sing N N 64  
ASP CB  HB3  sing N N 65  
ASP CG  OD1  doub N N 66  
ASP CG  OD2  sing N N 67  
ASP OD2 HD2  sing N N 68  
ASP OXT HXT  sing N N 69  
GLN N   CA   sing N N 70  
GLN N   H    sing N N 71  
GLN N   H2   sing N N 72  
GLN CA  C    sing N N 73  
GLN CA  CB   sing N N 74  
GLN CA  HA   sing N N 75  
GLN C   O    doub N N 76  
GLN C   OXT  sing N N 77  
GLN CB  CG   sing N N 78  
GLN CB  HB2  sing N N 79  
GLN CB  HB3  sing N N 80  
GLN CG  CD   sing N N 81  
GLN CG  HG2  sing N N 82  
GLN CG  HG3  sing N N 83  
GLN CD  OE1  doub N N 84  
GLN CD  NE2  sing N N 85  
GLN NE2 HE21 sing N N 86  
GLN NE2 HE22 sing N N 87  
GLN OXT HXT  sing N N 88  
GLU N   CA   sing N N 89  
GLU N   H    sing N N 90  
GLU N   H2   sing N N 91  
GLU CA  C    sing N N 92  
GLU CA  CB   sing N N 93  
GLU CA  HA   sing N N 94  
GLU C   O    doub N N 95  
GLU C   OXT  sing N N 96  
GLU CB  CG   sing N N 97  
GLU CB  HB2  sing N N 98  
GLU CB  HB3  sing N N 99  
GLU CG  CD   sing N N 100 
GLU CG  HG2  sing N N 101 
GLU CG  HG3  sing N N 102 
GLU CD  OE1  doub N N 103 
GLU CD  OE2  sing N N 104 
GLU OE2 HE2  sing N N 105 
GLU OXT HXT  sing N N 106 
GLY N   CA   sing N N 107 
GLY N   H    sing N N 108 
GLY N   H2   sing N N 109 
GLY CA  C    sing N N 110 
GLY CA  HA2  sing N N 111 
GLY CA  HA3  sing N N 112 
GLY C   O    doub N N 113 
GLY C   OXT  sing N N 114 
GLY OXT HXT  sing N N 115 
HIS N   CA   sing N N 116 
HIS N   H    sing N N 117 
HIS N   H2   sing N N 118 
HIS CA  C    sing N N 119 
HIS CA  CB   sing N N 120 
HIS CA  HA   sing N N 121 
HIS C   O    doub N N 122 
HIS C   OXT  sing N N 123 
HIS CB  CG   sing N N 124 
HIS CB  HB2  sing N N 125 
HIS CB  HB3  sing N N 126 
HIS CG  ND1  sing Y N 127 
HIS CG  CD2  doub Y N 128 
HIS ND1 CE1  doub Y N 129 
HIS ND1 HD1  sing N N 130 
HIS CD2 NE2  sing Y N 131 
HIS CD2 HD2  sing N N 132 
HIS CE1 NE2  sing Y N 133 
HIS CE1 HE1  sing N N 134 
HIS NE2 HE2  sing N N 135 
HIS OXT HXT  sing N N 136 
ILE N   CA   sing N N 137 
ILE N   H    sing N N 138 
ILE N   H2   sing N N 139 
ILE CA  C    sing N N 140 
ILE CA  CB   sing N N 141 
ILE CA  HA   sing N N 142 
ILE C   O    doub N N 143 
ILE C   OXT  sing N N 144 
ILE CB  CG1  sing N N 145 
ILE CB  CG2  sing N N 146 
ILE CB  HB   sing N N 147 
ILE CG1 CD1  sing N N 148 
ILE CG1 HG12 sing N N 149 
ILE CG1 HG13 sing N N 150 
ILE CG2 HG21 sing N N 151 
ILE CG2 HG22 sing N N 152 
ILE CG2 HG23 sing N N 153 
ILE CD1 HD11 sing N N 154 
ILE CD1 HD12 sing N N 155 
ILE CD1 HD13 sing N N 156 
ILE OXT HXT  sing N N 157 
LEU N   CA   sing N N 158 
LEU N   H    sing N N 159 
LEU N   H2   sing N N 160 
LEU CA  C    sing N N 161 
LEU CA  CB   sing N N 162 
LEU CA  HA   sing N N 163 
LEU C   O    doub N N 164 
LEU C   OXT  sing N N 165 
LEU CB  CG   sing N N 166 
LEU CB  HB2  sing N N 167 
LEU CB  HB3  sing N N 168 
LEU CG  CD1  sing N N 169 
LEU CG  CD2  sing N N 170 
LEU CG  HG   sing N N 171 
LEU CD1 HD11 sing N N 172 
LEU CD1 HD12 sing N N 173 
LEU CD1 HD13 sing N N 174 
LEU CD2 HD21 sing N N 175 
LEU CD2 HD22 sing N N 176 
LEU CD2 HD23 sing N N 177 
LEU OXT HXT  sing N N 178 
LYS N   CA   sing N N 179 
LYS N   H    sing N N 180 
LYS N   H2   sing N N 181 
LYS CA  C    sing N N 182 
LYS CA  CB   sing N N 183 
LYS CA  HA   sing N N 184 
LYS C   O    doub N N 185 
LYS C   OXT  sing N N 186 
LYS CB  CG   sing N N 187 
LYS CB  HB2  sing N N 188 
LYS CB  HB3  sing N N 189 
LYS CG  CD   sing N N 190 
LYS CG  HG2  sing N N 191 
LYS CG  HG3  sing N N 192 
LYS CD  CE   sing N N 193 
LYS CD  HD2  sing N N 194 
LYS CD  HD3  sing N N 195 
LYS CE  NZ   sing N N 196 
LYS CE  HE2  sing N N 197 
LYS CE  HE3  sing N N 198 
LYS NZ  HZ1  sing N N 199 
LYS NZ  HZ2  sing N N 200 
LYS NZ  HZ3  sing N N 201 
LYS OXT HXT  sing N N 202 
MET N   CA   sing N N 203 
MET N   H    sing N N 204 
MET N   H2   sing N N 205 
MET CA  C    sing N N 206 
MET CA  CB   sing N N 207 
MET CA  HA   sing N N 208 
MET C   O    doub N N 209 
MET C   OXT  sing N N 210 
MET CB  CG   sing N N 211 
MET CB  HB2  sing N N 212 
MET CB  HB3  sing N N 213 
MET CG  SD   sing N N 214 
MET CG  HG2  sing N N 215 
MET CG  HG3  sing N N 216 
MET SD  CE   sing N N 217 
MET CE  HE1  sing N N 218 
MET CE  HE2  sing N N 219 
MET CE  HE3  sing N N 220 
MET OXT HXT  sing N N 221 
PRO N   CA   sing N N 222 
PRO N   CD   sing N N 223 
PRO N   H    sing N N 224 
PRO CA  C    sing N N 225 
PRO CA  CB   sing N N 226 
PRO CA  HA   sing N N 227 
PRO C   O    doub N N 228 
PRO C   OXT  sing N N 229 
PRO CB  CG   sing N N 230 
PRO CB  HB2  sing N N 231 
PRO CB  HB3  sing N N 232 
PRO CG  CD   sing N N 233 
PRO CG  HG2  sing N N 234 
PRO CG  HG3  sing N N 235 
PRO CD  HD2  sing N N 236 
PRO CD  HD3  sing N N 237 
PRO OXT HXT  sing N N 238 
SER N   CA   sing N N 239 
SER N   H    sing N N 240 
SER N   H2   sing N N 241 
SER CA  C    sing N N 242 
SER CA  CB   sing N N 243 
SER CA  HA   sing N N 244 
SER C   O    doub N N 245 
SER C   OXT  sing N N 246 
SER CB  OG   sing N N 247 
SER CB  HB2  sing N N 248 
SER CB  HB3  sing N N 249 
SER OG  HG   sing N N 250 
SER OXT HXT  sing N N 251 
THR N   CA   sing N N 252 
THR N   H    sing N N 253 
THR N   H2   sing N N 254 
THR CA  C    sing N N 255 
THR CA  CB   sing N N 256 
THR CA  HA   sing N N 257 
THR C   O    doub N N 258 
THR C   OXT  sing N N 259 
THR CB  OG1  sing N N 260 
THR CB  CG2  sing N N 261 
THR CB  HB   sing N N 262 
THR OG1 HG1  sing N N 263 
THR CG2 HG21 sing N N 264 
THR CG2 HG22 sing N N 265 
THR CG2 HG23 sing N N 266 
THR OXT HXT  sing N N 267 
TYR N   CA   sing N N 268 
TYR N   H    sing N N 269 
TYR N   H2   sing N N 270 
TYR CA  C    sing N N 271 
TYR CA  CB   sing N N 272 
TYR CA  HA   sing N N 273 
TYR C   O    doub N N 274 
TYR C   OXT  sing N N 275 
TYR CB  CG   sing N N 276 
TYR CB  HB2  sing N N 277 
TYR CB  HB3  sing N N 278 
TYR CG  CD1  doub Y N 279 
TYR CG  CD2  sing Y N 280 
TYR CD1 CE1  sing Y N 281 
TYR CD1 HD1  sing N N 282 
TYR CD2 CE2  doub Y N 283 
TYR CD2 HD2  sing N N 284 
TYR CE1 CZ   doub Y N 285 
TYR CE1 HE1  sing N N 286 
TYR CE2 CZ   sing Y N 287 
TYR CE2 HE2  sing N N 288 
TYR CZ  OH   sing N N 289 
TYR OH  HH   sing N N 290 
TYR OXT HXT  sing N N 291 
VAL N   CA   sing N N 292 
VAL N   H    sing N N 293 
VAL N   H2   sing N N 294 
VAL CA  C    sing N N 295 
VAL CA  CB   sing N N 296 
VAL CA  HA   sing N N 297 
VAL C   O    doub N N 298 
VAL C   OXT  sing N N 299 
VAL CB  CG1  sing N N 300 
VAL CB  CG2  sing N N 301 
VAL CB  HB   sing N N 302 
VAL CG1 HG11 sing N N 303 
VAL CG1 HG12 sing N N 304 
VAL CG1 HG13 sing N N 305 
VAL CG2 HG21 sing N N 306 
VAL CG2 HG22 sing N N 307 
VAL CG2 HG23 sing N N 308 
VAL OXT HXT  sing N N 309 
# 
_atom_sites.entry_id                    1UXC 
_atom_sites.fract_transf_matrix[1][1]   1.000000 
_atom_sites.fract_transf_matrix[1][2]   0.000000 
_atom_sites.fract_transf_matrix[1][3]   0.000000 
_atom_sites.fract_transf_matrix[2][1]   0.000000 
_atom_sites.fract_transf_matrix[2][2]   1.000000 
_atom_sites.fract_transf_matrix[2][3]   0.000000 
_atom_sites.fract_transf_matrix[3][1]   0.000000 
_atom_sites.fract_transf_matrix[3][2]   0.000000 
_atom_sites.fract_transf_matrix[3][3]   1.000000 
_atom_sites.fract_transf_vector[1]      0.00000 
_atom_sites.fract_transf_vector[2]      0.00000 
_atom_sites.fract_transf_vector[3]      0.00000 
# 
loop_
_atom_type.symbol 
C 
H 
N 
O 
S 
# 
loop_
_atom_site.group_PDB 
_atom_site.id 
_atom_site.type_symbol 
_atom_site.label_atom_id 
_atom_site.label_alt_id 
_atom_site.label_comp_id 
_atom_site.label_asym_id 
_atom_site.label_entity_id 
_atom_site.label_seq_id 
_atom_site.pdbx_PDB_ins_code 
_atom_site.Cartn_x 
_atom_site.Cartn_y 
_atom_site.Cartn_z 
_atom_site.occupancy 
_atom_site.B_iso_or_equiv 
_atom_site.pdbx_formal_charge 
_atom_site.auth_seq_id 
_atom_site.auth_comp_id 
_atom_site.auth_asym_id 
_atom_site.auth_atom_id 
_atom_site.pdbx_PDB_model_num 
ATOM 1   N N    . MET A 1 1  ? -1.656  -6.120  -11.810 1.00 2.83 ? 1  MET A N    1 
ATOM 2   C CA   . MET A 1 1  ? -1.182  -5.421  -10.579 1.00 2.26 ? 1  MET A CA   1 
ATOM 3   C C    . MET A 1 1  ? -2.150  -4.288  -10.192 1.00 2.42 ? 1  MET A C    1 
ATOM 4   O O    . MET A 1 1  ? -1.791  -3.126  -10.166 1.00 2.69 ? 1  MET A O    1 
ATOM 5   C CB   . MET A 1 1  ? 0.251   -4.904  -10.791 1.00 2.33 ? 1  MET A CB   1 
ATOM 6   C CG   . MET A 1 1  ? 1.022   -4.962  -9.468  1.00 2.33 ? 1  MET A CG   1 
ATOM 7   S SD   . MET A 1 1  ? 1.193   -6.689  -8.945  1.00 2.65 ? 1  MET A SD   1 
ATOM 8   C CE   . MET A 1 1  ? 0.595   -6.513  -7.244  1.00 2.50 ? 1  MET A CE   1 
ATOM 9   H H1   . MET A 1 1  ? -1.732  -5.445  -12.598 1.00 0.00 ? 1  MET A H1   1 
ATOM 10  H H2   . MET A 1 1  ? -0.988  -6.875  -12.063 1.00 0.00 ? 1  MET A H2   1 
ATOM 11  H H3   . MET A 1 1  ? -2.588  -6.547  -11.628 1.00 0.00 ? 1  MET A H3   1 
ATOM 12  H HA   . MET A 1 1  ? -1.179  -6.140  -9.772  1.00 0.00 ? 1  MET A HA   1 
ATOM 13  H HB2  . MET A 1 1  ? 0.752   -5.519  -11.523 1.00 0.00 ? 1  MET A HB2  1 
ATOM 14  H HB3  . MET A 1 1  ? 0.223   -3.883  -11.140 1.00 0.00 ? 1  MET A HB3  1 
ATOM 15  H HG2  . MET A 1 1  ? 2.002   -4.528  -9.606  1.00 0.00 ? 1  MET A HG2  1 
ATOM 16  H HG3  . MET A 1 1  ? 0.488   -4.404  -8.713  1.00 0.00 ? 1  MET A HG3  1 
ATOM 17  H HE1  . MET A 1 1  ? -0.374  -6.035  -7.248  1.00 0.00 ? 1  MET A HE1  1 
ATOM 18  H HE2  . MET A 1 1  ? 0.506   -7.487  -6.788  1.00 0.00 ? 1  MET A HE2  1 
ATOM 19  H HE3  . MET A 1 1  ? 1.301   -5.925  -6.674  1.00 0.00 ? 1  MET A HE3  1 
ATOM 20  N N    . LYS A 1 2  ? -3.383  -4.627  -9.887  1.00 2.58 ? 2  LYS A N    1 
ATOM 21  C CA   . LYS A 1 2  ? -4.414  -3.616  -9.490  1.00 2.24 ? 2  LYS A CA   1 
ATOM 22  C C    . LYS A 1 2  ? -4.268  -3.271  -7.997  1.00 2.64 ? 2  LYS A C    1 
ATOM 23  O O    . LYS A 1 2  ? -3.516  -3.898  -7.272  1.00 2.99 ? 2  LYS A O    1 
ATOM 24  C CB   . LYS A 1 2  ? -5.817  -4.176  -9.762  1.00 2.49 ? 2  LYS A CB   1 
ATOM 25  C CG   . LYS A 1 2  ? -6.115  -4.162  -11.267 1.00 2.21 ? 2  LYS A CG   1 
ATOM 26  C CD   . LYS A 1 2  ? -6.796  -5.474  -11.681 1.00 2.58 ? 2  LYS A CD   1 
ATOM 27  C CE   . LYS A 1 2  ? -8.027  -5.199  -12.555 1.00 2.22 ? 2  LYS A CE   1 
ATOM 28  N NZ   . LYS A 1 2  ? -7.654  -5.177  -14.002 1.00 2.30 ? 2  LYS A NZ   1 
ATOM 29  H H    . LYS A 1 2  ? -3.639  -5.574  -9.913  1.00 0.00 ? 2  LYS A H    1 
ATOM 30  H HA   . LYS A 1 2  ? -4.267  -2.719  -10.072 1.00 0.00 ? 2  LYS A HA   1 
ATOM 31  H HB2  . LYS A 1 2  ? -5.874  -5.188  -9.387  1.00 0.00 ? 2  LYS A HB2  1 
ATOM 32  H HB3  . LYS A 1 2  ? -6.549  -3.567  -9.250  1.00 0.00 ? 2  LYS A HB3  1 
ATOM 33  H HG2  . LYS A 1 2  ? -6.763  -3.329  -11.494 1.00 0.00 ? 2  LYS A HG2  1 
ATOM 34  H HG3  . LYS A 1 2  ? -5.191  -4.055  -11.816 1.00 0.00 ? 2  LYS A HG3  1 
ATOM 35  H HD2  . LYS A 1 2  ? -6.091  -6.080  -12.232 1.00 0.00 ? 2  LYS A HD2  1 
ATOM 36  H HD3  . LYS A 1 2  ? -7.103  -6.013  -10.796 1.00 0.00 ? 2  LYS A HD3  1 
ATOM 37  H HE2  . LYS A 1 2  ? -8.758  -5.977  -12.390 1.00 0.00 ? 2  LYS A HE2  1 
ATOM 38  H HE3  . LYS A 1 2  ? -8.459  -4.247  -12.279 1.00 0.00 ? 2  LYS A HE3  1 
ATOM 39  H HZ1  . LYS A 1 2  ? -7.058  -5.999  -14.227 1.00 0.00 ? 2  LYS A HZ1  1 
ATOM 40  H HZ2  . LYS A 1 2  ? -8.517  -5.217  -14.581 1.00 0.00 ? 2  LYS A HZ2  1 
ATOM 41  H HZ3  . LYS A 1 2  ? -7.136  -4.301  -14.215 1.00 0.00 ? 2  LYS A HZ3  1 
ATOM 42  N N    . LEU A 1 3  ? -4.989  -2.273  -7.545  1.00 2.83 ? 3  LEU A N    1 
ATOM 43  C CA   . LEU A 1 3  ? -4.939  -1.836  -6.112  1.00 2.97 ? 3  LEU A CA   1 
ATOM 44  C C    . LEU A 1 3  ? -5.436  -2.943  -5.168  1.00 2.66 ? 3  LEU A C    1 
ATOM 45  O O    . LEU A 1 3  ? -4.820  -3.178  -4.144  1.00 2.77 ? 3  LEU A O    1 
ATOM 46  C CB   . LEU A 1 3  ? -5.840  -0.610  -5.924  1.00 2.29 ? 3  LEU A CB   1 
ATOM 47  C CG   . LEU A 1 3  ? -5.094  0.518   -5.208  1.00 2.41 ? 3  LEU A CG   1 
ATOM 48  C CD1  . LEU A 1 3  ? -6.031  1.718   -5.040  1.00 2.38 ? 3  LEU A CD1  1 
ATOM 49  C CD2  . LEU A 1 3  ? -4.632  0.052   -3.823  1.00 2.51 ? 3  LEU A CD2  1 
ATOM 50  H H    . LEU A 1 3  ? -5.582  -1.792  -8.161  1.00 0.00 ? 3  LEU A H    1 
ATOM 51  H HA   . LEU A 1 3  ? -3.920  -1.575  -5.854  1.00 0.00 ? 3  LEU A HA   1 
ATOM 52  H HB2  . LEU A 1 3  ? -6.174  -0.265  -6.891  1.00 0.00 ? 3  LEU A HB2  1 
ATOM 53  H HB3  . LEU A 1 3  ? -6.703  -0.892  -5.340  1.00 0.00 ? 3  LEU A HB3  1 
ATOM 54  H HG   . LEU A 1 3  ? -4.241  0.812   -5.803  1.00 0.00 ? 3  LEU A HG   1 
ATOM 55  H HD11 . LEU A 1 3  ? -6.827  1.667   -5.769  1.00 0.00 ? 3  LEU A HD11 1 
ATOM 56  H HD12 . LEU A 1 3  ? -6.452  1.712   -4.045  1.00 0.00 ? 3  LEU A HD12 1 
ATOM 57  H HD13 . LEU A 1 3  ? -5.472  2.629   -5.184  1.00 0.00 ? 3  LEU A HD13 1 
ATOM 58  H HD21 . LEU A 1 3  ? -5.404  -0.548  -3.367  1.00 0.00 ? 3  LEU A HD21 1 
ATOM 59  H HD22 . LEU A 1 3  ? -3.734  -0.539  -3.922  1.00 0.00 ? 3  LEU A HD22 1 
ATOM 60  H HD23 . LEU A 1 3  ? -4.429  0.912   -3.203  1.00 0.00 ? 3  LEU A HD23 1 
ATOM 61  N N    . ASP A 1 4  ? -6.528  -3.596  -5.509  1.00 2.63 ? 4  ASP A N    1 
ATOM 62  C CA   . ASP A 1 4  ? -7.102  -4.686  -4.655  1.00 2.93 ? 4  ASP A CA   1 
ATOM 63  C C    . ASP A 1 4  ? -6.099  -5.816  -4.393  1.00 3.51 ? 4  ASP A C    1 
ATOM 64  O O    . ASP A 1 4  ? -5.960  -6.225  -3.254  1.00 3.90 ? 4  ASP A O    1 
ATOM 65  C CB   . ASP A 1 4  ? -8.371  -5.272  -5.283  1.00 3.02 ? 4  ASP A CB   1 
ATOM 66  C CG   . ASP A 1 4  ? -9.273  -5.823  -4.171  1.00 3.18 ? 4  ASP A CG   1 
ATOM 67  O OD1  . ASP A 1 4  ? -10.017 -5.040  -3.600  1.00 3.59 ? 4  ASP A OD1  1 
ATOM 68  O OD2  . ASP A 1 4  ? -9.203  -7.015  -3.908  1.00 3.32 ? 4  ASP A OD2  1 
ATOM 69  H H    . ASP A 1 4  ? -6.984  -3.356  -6.345  1.00 0.00 ? 4  ASP A H    1 
ATOM 70  H HA   . ASP A 1 4  ? -7.368  -4.253  -3.702  1.00 0.00 ? 4  ASP A HA   1 
ATOM 71  H HB2  . ASP A 1 4  ? -8.892  -4.503  -5.834  1.00 0.00 ? 4  ASP A HB2  1 
ATOM 72  H HB3  . ASP A 1 4  ? -8.101  -6.075  -5.950  1.00 0.00 ? 4  ASP A HB3  1 
ATOM 73  N N    . GLU A 1 5  ? -5.413  -6.318  -5.399  1.00 4.04 ? 5  GLU A N    1 
ATOM 74  C CA   . GLU A 1 5  ? -4.425  -7.417  -5.190  1.00 4.23 ? 5  GLU A CA   1 
ATOM 75  C C    . GLU A 1 5  ? -3.270  -6.948  -4.295  1.00 1.95 ? 5  GLU A C    1 
ATOM 76  O O    . GLU A 1 5  ? -2.799  -7.699  -3.460  1.00 2.24 ? 5  GLU A O    1 
ATOM 77  C CB   . GLU A 1 5  ? -3.964  -7.934  -6.548  1.00 4.54 ? 5  GLU A CB   1 
ATOM 78  C CG   . GLU A 1 5  ? -3.108  -6.946  -7.335  1.00 4.94 ? 5  GLU A CG   1 
ATOM 79  C CD   . GLU A 1 5  ? -2.748  -7.577  -8.685  1.00 4.79 ? 5  GLU A CD   1 
ATOM 80  O OE1  . GLU A 1 5  ? -3.503  -7.397  -9.629  1.00 2.14 ? 5  GLU A OE1  1 
ATOM 81  O OE2  . GLU A 1 5  ? -1.721  -8.231  -8.766  1.00 4.74 ? 5  GLU A OE2  1 
ATOM 82  H H    . GLU A 1 5  ? -5.538  -5.977  -6.307  1.00 0.00 ? 5  GLU A H    1 
ATOM 83  H HA   . GLU A 1 5  ? -4.936  -8.213  -4.673  1.00 0.00 ? 5  GLU A HA   1 
ATOM 84  H HB2  . GLU A 1 5  ? -3.388  -8.819  -6.397  1.00 0.00 ? 5  GLU A HB2  1 
ATOM 85  H HB3  . GLU A 1 5  ? -4.845  -8.164  -7.119  1.00 0.00 ? 5  GLU A HB3  1 
ATOM 86  H HG2  . GLU A 1 5  ? -3.678  -6.042  -7.486  1.00 0.00 ? 5  GLU A HG2  1 
ATOM 87  H HG3  . GLU A 1 5  ? -2.208  -6.732  -6.781  1.00 0.00 ? 5  GLU A HG3  1 
ATOM 88  N N    . ILE A 1 6  ? -2.847  -5.717  -4.465  1.00 2.46 ? 6  ILE A N    1 
ATOM 89  C CA   . ILE A 1 6  ? -1.745  -5.104  -3.654  1.00 2.08 ? 6  ILE A CA   1 
ATOM 90  C C    . ILE A 1 6  ? -2.203  -5.088  -2.184  1.00 2.31 ? 6  ILE A C    1 
ATOM 91  O O    . ILE A 1 6  ? -1.401  -5.280  -1.289  1.00 2.28 ? 6  ILE A O    1 
ATOM 92  C CB   . ILE A 1 6  ? -1.530  -3.657  -4.129  1.00 1.85 ? 6  ILE A CB   1 
ATOM 93  C CG1  . ILE A 1 6  ? -1.150  -3.642  -5.622  1.00 2.38 ? 6  ILE A CG1  1 
ATOM 94  C CG2  . ILE A 1 6  ? -0.489  -2.928  -3.271  1.00 2.51 ? 6  ILE A CG2  1 
ATOM 95  C CD1  . ILE A 1 6  ? 0.344   -3.427  -5.871  1.00 2.61 ? 6  ILE A CD1  1 
ATOM 96  H H    . ILE A 1 6  ? -3.281  -5.164  -5.146  1.00 0.00 ? 6  ILE A H    1 
ATOM 97  H HA   . ILE A 1 6  ? -0.834  -5.678  -3.758  1.00 0.00 ? 6  ILE A HA   1 
ATOM 98  H HB   . ILE A 1 6  ? -2.471  -3.138  -4.005  1.00 0.00 ? 6  ILE A HB   1 
ATOM 99  H HG12 . ILE A 1 6  ? -1.434  -4.581  -6.071  1.00 0.00 ? 6  ILE A HG12 1 
ATOM 100 H HG13 . ILE A 1 6  ? -1.706  -2.852  -6.106  1.00 0.00 ? 6  ILE A HG13 1 
ATOM 101 H HG21 . ILE A 1 6  ? -0.745  -3.024  -2.227  1.00 0.00 ? 6  ILE A HG21 1 
ATOM 102 H HG22 . ILE A 1 6  ? 0.486   -3.360  -3.444  1.00 0.00 ? 6  ILE A HG22 1 
ATOM 103 H HG23 . ILE A 1 6  ? -0.473  -1.884  -3.545  1.00 0.00 ? 6  ILE A HG23 1 
ATOM 104 H HD11 . ILE A 1 6  ? 0.913   -4.158  -5.317  1.00 0.00 ? 6  ILE A HD11 1 
ATOM 105 H HD12 . ILE A 1 6  ? 0.545   -3.529  -6.926  1.00 0.00 ? 6  ILE A HD12 1 
ATOM 106 H HD13 . ILE A 1 6  ? 0.618   -2.433  -5.548  1.00 0.00 ? 6  ILE A HD13 1 
ATOM 107 N N    . ALA A 1 7  ? -3.482  -4.867  -1.958  1.00 2.74 ? 7  ALA A N    1 
ATOM 108 C CA   . ALA A 1 7  ? -4.066  -4.829  -0.582  1.00 3.12 ? 7  ALA A CA   1 
ATOM 109 C C    . ALA A 1 7  ? -4.110  -6.245  0.004   1.00 2.99 ? 7  ALA A C    1 
ATOM 110 O O    . ALA A 1 7  ? -3.827  -6.415  1.174   1.00 1.97 ? 7  ALA A O    1 
ATOM 111 C CB   . ALA A 1 7  ? -5.482  -4.247  -0.633  1.00 2.95 ? 7  ALA A CB   1 
ATOM 112 H H    . ALA A 1 7  ? -4.082  -4.724  -2.722  1.00 0.00 ? 7  ALA A H    1 
ATOM 113 H HA   . ALA A 1 7  ? -3.445  -4.207  0.047   1.00 0.00 ? 7  ALA A HA   1 
ATOM 114 H HB1  . ALA A 1 7  ? -5.989  -4.603  -1.518  1.00 0.00 ? 7  ALA A HB1  1 
ATOM 115 H HB2  . ALA A 1 7  ? -6.030  -4.559  0.244   1.00 0.00 ? 7  ALA A HB2  1 
ATOM 116 H HB3  . ALA A 1 7  ? -5.428  -3.169  -0.658  1.00 0.00 ? 7  ALA A HB3  1 
ATOM 117 N N    . ARG A 1 8  ? -4.451  -7.234  -0.796  1.00 2.18 ? 8  ARG A N    1 
ATOM 118 C CA   . ARG A 1 8  ? -4.519  -8.652  -0.320  1.00 2.14 ? 8  ARG A CA   1 
ATOM 119 C C    . ARG A 1 8  ? -3.089  -9.188  -0.148  1.00 2.92 ? 8  ARG A C    1 
ATOM 120 O O    . ARG A 1 8  ? -2.774  -9.800  0.858   1.00 2.92 ? 8  ARG A O    1 
ATOM 121 C CB   . ARG A 1 8  ? -5.287  -9.511  -1.334  1.00 2.15 ? 8  ARG A CB   1 
ATOM 122 C CG   . ARG A 1 8  ? -6.751  -9.064  -1.407  1.00 2.05 ? 8  ARG A CG   1 
ATOM 123 C CD   . ARG A 1 8  ? -7.450  -9.736  -2.594  1.00 1.84 ? 8  ARG A CD   1 
ATOM 124 N NE   . ARG A 1 8  ? -8.201  -10.941 -2.129  1.00 2.36 ? 8  ARG A NE   1 
ATOM 125 C CZ   . ARG A 1 8  ? -9.493  -10.882 -1.937  1.00 2.53 ? 8  ARG A CZ   1 
ATOM 126 N NH1  . ARG A 1 8  ? -10.301 -10.891 -2.967  1.00 2.52 ? 8  ARG A NH1  1 
ATOM 127 N NH2  . ARG A 1 8  ? -9.964  -10.816 -0.718  1.00 2.56 ? 8  ARG A NH2  1 
ATOM 128 H H    . ARG A 1 8  ? -4.665  -7.035  -1.734  1.00 0.00 ? 8  ARG A H    1 
ATOM 129 H HA   . ARG A 1 8  ? -5.020  -8.670  0.637   1.00 0.00 ? 8  ARG A HA   1 
ATOM 130 H HB2  . ARG A 1 8  ? -4.830  -9.407  -2.308  1.00 0.00 ? 8  ARG A HB2  1 
ATOM 131 H HB3  . ARG A 1 8  ? -5.246  -10.546 -1.029  1.00 0.00 ? 8  ARG A HB3  1 
ATOM 132 H HG2  . ARG A 1 8  ? -7.256  -9.334  -0.491  1.00 0.00 ? 8  ARG A HG2  1 
ATOM 133 H HG3  . ARG A 1 8  ? -6.793  -7.992  -1.535  1.00 0.00 ? 8  ARG A HG3  1 
ATOM 134 H HD2  . ARG A 1 8  ? -8.133  -9.033  -3.045  1.00 0.00 ? 8  ARG A HD2  1 
ATOM 135 H HD3  . ARG A 1 8  ? -6.711  -10.030 -3.327  1.00 0.00 ? 8  ARG A HD3  1 
ATOM 136 H HE   . ARG A 1 8  ? -7.720  -11.780 -1.966  1.00 0.00 ? 8  ARG A HE   1 
ATOM 137 H HH11 . ARG A 1 8  ? -9.928  -10.941 -3.895  1.00 0.00 ? 8  ARG A HH11 1 
ATOM 138 H HH12 . ARG A 1 8  ? -11.292 -10.846 -2.837  1.00 0.00 ? 8  ARG A HH12 1 
ATOM 139 H HH21 . ARG A 1 8  ? -9.337  -10.808 0.062   1.00 0.00 ? 8  ARG A HH21 1 
ATOM 140 H HH22 . ARG A 1 8  ? -10.951 -10.773 -0.555  1.00 0.00 ? 8  ARG A HH22 1 
ATOM 141 N N    . LEU A 1 9  ? -2.237  -8.949  -1.123  1.00 3.02 ? 9  LEU A N    1 
ATOM 142 C CA   . LEU A 1 9  ? -0.816  -9.400  -1.090  1.00 3.28 ? 9  LEU A CA   1 
ATOM 143 C C    . LEU A 1 9  ? -0.077  -8.716  0.073   1.00 2.31 ? 9  LEU A C    1 
ATOM 144 O O    . LEU A 1 9  ? 0.793   -9.321  0.671   1.00 2.34 ? 9  LEU A O    1 
ATOM 145 C CB   . LEU A 1 9  ? -0.165  -9.021  -2.424  1.00 3.73 ? 9  LEU A CB   1 
ATOM 146 C CG   . LEU A 1 9  ? -0.198  -10.209 -3.389  1.00 3.47 ? 9  LEU A CG   1 
ATOM 147 C CD1  . LEU A 1 9  ? -0.003  -9.724  -4.829  1.00 2.37 ? 9  LEU A CD1  1 
ATOM 148 C CD2  . LEU A 1 9  ? 0.922   -11.184 -3.027  1.00 2.40 ? 9  LEU A CD2  1 
ATOM 149 H H    . LEU A 1 9  ? -2.530  -8.447  -1.913  1.00 0.00 ? 9  LEU A H    1 
ATOM 150 H HA   . LEU A 1 9  ? -0.779  -10.471 -0.963  1.00 0.00 ? 9  LEU A HA   1 
ATOM 151 H HB2  . LEU A 1 9  ? -0.699  -8.189  -2.857  1.00 0.00 ? 9  LEU A HB2  1 
ATOM 152 H HB3  . LEU A 1 9  ? 0.853   -8.725  -2.254  1.00 0.00 ? 9  LEU A HB3  1 
ATOM 153 H HG   . LEU A 1 9  ? -1.153  -10.708 -3.311  1.00 0.00 ? 9  LEU A HG   1 
ATOM 154 H HD11 . LEU A 1 9  ? -0.651  -8.880  -5.018  1.00 0.00 ? 9  LEU A HD11 1 
ATOM 155 H HD12 . LEU A 1 9  ? 1.025   -9.428  -4.975  1.00 0.00 ? 9  LEU A HD12 1 
ATOM 156 H HD13 . LEU A 1 9  ? -0.248  -10.523 -5.514  1.00 0.00 ? 9  LEU A HD13 1 
ATOM 157 H HD21 . LEU A 1 9  ? 1.873   -10.675 -3.081  1.00 0.00 ? 9  LEU A HD21 1 
ATOM 158 H HD22 . LEU A 1 9  ? 0.765   -11.550 -2.023  1.00 0.00 ? 9  LEU A HD22 1 
ATOM 159 H HD23 . LEU A 1 9  ? 0.913   -12.012 -3.718  1.00 0.00 ? 9  LEU A HD23 1 
ATOM 160 N N    . ALA A 1 10 ? -0.422  -7.482  0.383   1.00 2.28 ? 10 ALA A N    1 
ATOM 161 C CA   . ALA A 1 10 ? 0.229   -6.723  1.498   1.00 2.52 ? 10 ALA A CA   1 
ATOM 162 C C    . ALA A 1 10 ? -0.449  -7.064  2.834   1.00 2.57 ? 10 ALA A C    1 
ATOM 163 O O    . ALA A 1 10 ? 0.224   -7.384  3.797   1.00 2.53 ? 10 ALA A O    1 
ATOM 164 C CB   . ALA A 1 10 ? 0.095   -5.220  1.248   1.00 2.36 ? 10 ALA A CB   1 
ATOM 165 H H    . ALA A 1 10 ? -1.130  -7.036  -0.127  1.00 0.00 ? 10 ALA A H    1 
ATOM 166 H HA   . ALA A 1 10 ? 1.276   -6.983  1.533   1.00 0.00 ? 10 ALA A HA   1 
ATOM 167 H HB1  . ALA A 1 10 ? -0.941  -4.972  1.073   1.00 0.00 ? 10 ALA A HB1  1 
ATOM 168 H HB2  . ALA A 1 10 ? 0.447   -4.688  2.117   1.00 0.00 ? 10 ALA A HB2  1 
ATOM 169 H HB3  . ALA A 1 10 ? 0.685   -4.939  0.389   1.00 0.00 ? 10 ALA A HB3  1 
ATOM 170 N N    . GLY A 1 11 ? -1.764  -6.995  2.876   1.00 2.17 ? 11 GLY A N    1 
ATOM 171 C CA   . GLY A 1 11 ? -2.555  -7.303  4.106   1.00 2.09 ? 11 GLY A CA   1 
ATOM 172 C C    . GLY A 1 11 ? -3.366  -6.106  4.625   1.00 2.12 ? 11 GLY A C    1 
ATOM 173 O O    . GLY A 1 11 ? -3.384  -5.864  5.819   1.00 2.50 ? 11 GLY A O    1 
ATOM 174 H H    . GLY A 1 11 ? -2.251  -6.735  2.065   1.00 0.00 ? 11 GLY A H    1 
ATOM 175 H HA2  . GLY A 1 11 ? -3.239  -8.106  3.881   1.00 0.00 ? 11 GLY A HA2  1 
ATOM 176 H HA3  . GLY A 1 11 ? -1.881  -7.627  4.875   1.00 0.00 ? 11 GLY A HA3  1 
ATOM 177 N N    . VAL A 1 12 ? -4.025  -5.387  3.747   1.00 2.87 ? 12 VAL A N    1 
ATOM 178 C CA   . VAL A 1 12 ? -4.864  -4.201  4.141   1.00 2.85 ? 12 VAL A CA   1 
ATOM 179 C C    . VAL A 1 12 ? -6.133  -4.138  3.267   1.00 1.73 ? 12 VAL A C    1 
ATOM 180 O O    . VAL A 1 12 ? -6.621  -5.170  2.838   1.00 1.40 ? 12 VAL A O    1 
ATOM 181 C CB   . VAL A 1 12 ? -4.068  -2.877  4.086   1.00 1.98 ? 12 VAL A CB   1 
ATOM 182 C CG1  . VAL A 1 12 ? -2.762  -2.969  4.867   1.00 2.08 ? 12 VAL A CG1  1 
ATOM 183 C CG2  . VAL A 1 12 ? -3.721  -2.433  2.662   1.00 1.69 ? 12 VAL A CG2  1 
ATOM 184 H H    . VAL A 1 12 ? -3.971  -5.649  2.803   1.00 0.00 ? 12 VAL A H    1 
ATOM 185 H HA   . VAL A 1 12 ? -5.196  -4.371  5.157   1.00 0.00 ? 12 VAL A HA   1 
ATOM 186 H HB   . VAL A 1 12 ? -4.669  -2.112  4.555   1.00 0.00 ? 12 VAL A HB   1 
ATOM 187 H HG11 . VAL A 1 12 ? -2.973  -3.233  5.890   1.00 0.00 ? 12 VAL A HG11 1 
ATOM 188 H HG12 . VAL A 1 12 ? -2.125  -3.712  4.414   1.00 0.00 ? 12 VAL A HG12 1 
ATOM 189 H HG13 . VAL A 1 12 ? -2.275  -2.006  4.832   1.00 0.00 ? 12 VAL A HG13 1 
ATOM 190 H HG21 . VAL A 1 12 ? -3.166  -3.208  2.158   1.00 0.00 ? 12 VAL A HG21 1 
ATOM 191 H HG22 . VAL A 1 12 ? -4.626  -2.216  2.113   1.00 0.00 ? 12 VAL A HG22 1 
ATOM 192 H HG23 . VAL A 1 12 ? -3.119  -1.535  2.712   1.00 0.00 ? 12 VAL A HG23 1 
ATOM 193 N N    . SER A 1 13 ? -6.670  -2.964  2.997   1.00 1.46 ? 13 SER A N    1 
ATOM 194 C CA   . SER A 1 13 ? -7.896  -2.821  2.154   1.00 1.23 ? 13 SER A CA   1 
ATOM 195 C C    . SER A 1 13 ? -7.566  -2.042  0.870   1.00 1.62 ? 13 SER A C    1 
ATOM 196 O O    . SER A 1 13 ? -6.484  -1.492  0.714   1.00 1.62 ? 13 SER A O    1 
ATOM 197 C CB   . SER A 1 13 ? -8.977  -2.083  2.951   1.00 1.35 ? 13 SER A CB   1 
ATOM 198 O OG   . SER A 1 13 ? -10.237 -2.248  2.310   1.00 1.42 ? 13 SER A OG   1 
ATOM 199 H H    . SER A 1 13 ? -6.261  -2.145  3.349   1.00 0.00 ? 13 SER A H    1 
ATOM 200 H HA   . SER A 1 13 ? -8.260  -3.801  1.882   1.00 0.00 ? 13 SER A HA   1 
ATOM 201 H HB2  . SER A 1 13 ? -9.041  -2.496  3.944   1.00 0.00 ? 13 SER A HB2  1 
ATOM 202 H HB3  . SER A 1 13 ? -8.715  -1.036  3.022   1.00 0.00 ? 13 SER A HB3  1 
ATOM 203 H HG   . SER A 1 13 ? -10.926 -2.190  2.978   1.00 0.00 ? 13 SER A HG   1 
ATOM 204 N N    . ARG A 1 14 ? -8.521  -2.010  -0.035  1.00 0.98 ? 14 ARG A N    1 
ATOM 205 C CA   . ARG A 1 14 ? -8.405  -1.306  -1.353  1.00 1.30 ? 14 ARG A CA   1 
ATOM 206 C C    . ARG A 1 14 ? -7.770  0.087   -1.206  1.00 1.31 ? 14 ARG A C    1 
ATOM 207 O O    . ARG A 1 14 ? -6.907  0.432   -1.995  1.00 1.58 ? 14 ARG A O    1 
ATOM 208 C CB   . ARG A 1 14 ? -9.799  -1.170  -1.981  1.00 1.33 ? 14 ARG A CB   1 
ATOM 209 C CG   . ARG A 1 14 ? -9.740  -1.501  -3.474  1.00 1.47 ? 14 ARG A CG   1 
ATOM 210 C CD   . ARG A 1 14 ? -11.052 -1.097  -4.151  1.00 1.58 ? 14 ARG A CD   1 
ATOM 211 N NE   . ARG A 1 14 ? -10.832 -0.945  -5.619  1.00 1.96 ? 14 ARG A NE   1 
ATOM 212 C CZ   . ARG A 1 14 ? -11.842 -0.956  -6.448  1.00 1.83 ? 14 ARG A CZ   1 
ATOM 213 N NH1  . ARG A 1 14 ? -12.484 -2.072  -6.680  1.00 2.00 ? 14 ARG A NH1  1 
ATOM 214 N NH2  . ARG A 1 14 ? -12.200 0.156   -7.039  1.00 1.39 ? 14 ARG A NH2  1 
ATOM 215 H H    . ARG A 1 14 ? -9.362  -2.476  0.166   1.00 0.00 ? 14 ARG A H    1 
ATOM 216 H HA   . ARG A 1 14 ? -7.788  -1.902  -2.007  1.00 0.00 ? 14 ARG A HA   1 
ATOM 217 H HB2  . ARG A 1 14 ? -10.481 -1.851  -1.492  1.00 0.00 ? 14 ARG A HB2  1 
ATOM 218 H HB3  . ARG A 1 14 ? -10.153 -0.158  -1.853  1.00 0.00 ? 14 ARG A HB3  1 
ATOM 219 H HG2  . ARG A 1 14 ? -8.918  -0.967  -3.929  1.00 0.00 ? 14 ARG A HG2  1 
ATOM 220 H HG3  . ARG A 1 14 ? -9.589  -2.563  -3.599  1.00 0.00 ? 14 ARG A HG3  1 
ATOM 221 H HD2  . ARG A 1 14 ? -11.797 -1.861  -3.975  1.00 0.00 ? 14 ARG A HD2  1 
ATOM 222 H HD3  . ARG A 1 14 ? -11.399 -0.160  -3.742  1.00 0.00 ? 14 ARG A HD3  1 
ATOM 223 H HE   . ARG A 1 14 ? -9.919  -0.835  -5.961  1.00 0.00 ? 14 ARG A HE   1 
ATOM 224 H HH11 . ARG A 1 14 ? -12.202 -2.918  -6.223  1.00 0.00 ? 14 ARG A HH11 1 
ATOM 225 H HH12 . ARG A 1 14 ? -13.258 -2.091  -7.312  1.00 0.00 ? 14 ARG A HH12 1 
ATOM 226 H HH21 . ARG A 1 14 ? -11.702 1.005   -6.855  1.00 0.00 ? 14 ARG A HH21 1 
ATOM 227 H HH22 . ARG A 1 14 ? -12.970 0.166   -7.675  1.00 0.00 ? 14 ARG A HH22 1 
ATOM 228 N N    . THR A 1 15 ? -8.176  0.873   -0.233  1.00 1.71 ? 15 THR A N    1 
ATOM 229 C CA   . THR A 1 15 ? -7.590  2.236   -0.049  1.00 1.70 ? 15 THR A CA   1 
ATOM 230 C C    . THR A 1 15 ? -6.411  2.232   0.925   1.00 2.27 ? 15 THR A C    1 
ATOM 231 O O    . THR A 1 15 ? -5.468  2.964   0.697   1.00 2.15 ? 15 THR A O    1 
ATOM 232 C CB   . THR A 1 15 ? -8.589  3.278   0.454   1.00 1.46 ? 15 THR A CB   1 
ATOM 233 O OG1  . THR A 1 15 ? -9.877  2.725   0.695   1.00 1.98 ? 15 THR A OG1  1 
ATOM 234 C CG2  . THR A 1 15 ? -8.689  4.399   -0.576  1.00 2.41 ? 15 THR A CG2  1 
ATOM 235 H H    . THR A 1 15 ? -8.874  0.577   0.388   1.00 0.00 ? 15 THR A H    1 
ATOM 236 H HA   . THR A 1 15 ? -7.211  2.556   -1.001  1.00 0.00 ? 15 THR A HA   1 
ATOM 237 H HB   . THR A 1 15 ? -8.185  3.701   1.354   1.00 0.00 ? 15 THR A HB   1 
ATOM 238 H HG1  . THR A 1 15 ? -10.340 3.293   1.316   1.00 0.00 ? 15 THR A HG1  1 
ATOM 239 H HG21 . THR A 1 15 ? -7.697  4.744   -0.822  1.00 0.00 ? 15 THR A HG21 1 
ATOM 240 H HG22 . THR A 1 15 ? -9.173  4.020   -1.465  1.00 0.00 ? 15 THR A HG22 1 
ATOM 241 H HG23 . THR A 1 15 ? -9.265  5.212   -0.163  1.00 0.00 ? 15 THR A HG23 1 
ATOM 242 N N    . THR A 1 16 ? -6.447  1.443   1.977   1.00 2.01 ? 16 THR A N    1 
ATOM 243 C CA   . THR A 1 16 ? -5.314  1.407   2.954   1.00 2.06 ? 16 THR A CA   1 
ATOM 244 C C    . THR A 1 16 ? -4.030  1.068   2.209   1.00 2.83 ? 16 THR A C    1 
ATOM 245 O O    . THR A 1 16 ? -2.985  1.617   2.507   1.00 3.01 ? 16 THR A O    1 
ATOM 246 C CB   . THR A 1 16 ? -5.476  0.402   4.098   1.00 2.29 ? 16 THR A CB   1 
ATOM 247 O OG1  . THR A 1 16 ? -6.734  -0.271  4.076   1.00 2.28 ? 16 THR A OG1  1 
ATOM 248 C CG2  . THR A 1 16 ? -5.255  1.115   5.435   1.00 2.69 ? 16 THR A CG2  1 
ATOM 249 H H    . THR A 1 16 ? -7.221  0.871   2.121   1.00 0.00 ? 16 THR A H    1 
ATOM 250 H HA   . THR A 1 16 ? -5.188  2.392   3.352   1.00 0.00 ? 16 THR A HA   1 
ATOM 251 H HB   . THR A 1 16 ? -4.687  -0.319  3.982   1.00 0.00 ? 16 THR A HB   1 
ATOM 252 H HG1  . THR A 1 16 ? -7.371  0.228   4.597   1.00 0.00 ? 16 THR A HG1  1 
ATOM 253 H HG21 . THR A 1 16 ? -5.851  2.016   5.466   1.00 0.00 ? 16 THR A HG21 1 
ATOM 254 H HG22 . THR A 1 16 ? -5.545  0.463   6.246   1.00 0.00 ? 16 THR A HG22 1 
ATOM 255 H HG23 . THR A 1 16 ? -4.212  1.372   5.536   1.00 0.00 ? 16 THR A HG23 1 
ATOM 256 N N    . ALA A 1 17 ? -4.122  0.187   1.248   1.00 3.63 ? 17 ALA A N    1 
ATOM 257 C CA   . ALA A 1 17 ? -2.929  -0.201  0.448   1.00 3.06 ? 17 ALA A CA   1 
ATOM 258 C C    . ALA A 1 17 ? -2.586  1.026   -0.399  1.00 2.85 ? 17 ALA A C    1 
ATOM 259 O O    . ALA A 1 17 ? -1.427  1.378   -0.505  1.00 3.44 ? 17 ALA A O    1 
ATOM 260 C CB   . ALA A 1 17 ? -3.243  -1.441  -0.391  1.00 3.02 ? 17 ALA A CB   1 
ATOM 261 H H    . ALA A 1 17 ? -4.995  -0.212  1.049   1.00 0.00 ? 17 ALA A H    1 
ATOM 262 H HA   . ALA A 1 17 ? -2.111  -0.379  1.128   1.00 0.00 ? 17 ALA A HA   1 
ATOM 263 H HB1  . ALA A 1 17 ? -4.303  -1.472  -0.601  1.00 0.00 ? 17 ALA A HB1  1 
ATOM 264 H HB2  . ALA A 1 17 ? -2.690  -1.405  -1.316  1.00 0.00 ? 17 ALA A HB2  1 
ATOM 265 H HB3  . ALA A 1 17 ? -2.964  -2.323  0.166   1.00 0.00 ? 17 ALA A HB3  1 
ATOM 266 N N    . SER A 1 18 ? -3.595  1.662   -0.962  1.00 3.47 ? 18 SER A N    1 
ATOM 267 C CA   . SER A 1 18 ? -3.457  2.893   -1.802  1.00 3.76 ? 18 SER A CA   1 
ATOM 268 C C    . SER A 1 18 ? -2.636  3.954   -1.053  1.00 4.25 ? 18 SER A C    1 
ATOM 269 O O    . SER A 1 18 ? -1.902  4.700   -1.674  1.00 4.40 ? 18 SER A O    1 
ATOM 270 C CB   . SER A 1 18 ? -4.855  3.465   -2.062  1.00 3.67 ? 18 SER A CB   1 
ATOM 271 O OG   . SER A 1 18 ? -4.837  4.200   -3.277  1.00 3.94 ? 18 SER A OG   1 
ATOM 272 H H    . SER A 1 18 ? -4.500  1.319   -0.810  1.00 0.00 ? 18 SER A H    1 
ATOM 273 H HA   . SER A 1 18 ? -2.984  2.647   -2.738  1.00 0.00 ? 18 SER A HA   1 
ATOM 274 H HB2  . SER A 1 18 ? -5.567  2.662   -2.130  1.00 0.00 ? 18 SER A HB2  1 
ATOM 275 H HB3  . SER A 1 18 ? -5.151  4.095   -1.232  1.00 0.00 ? 18 SER A HB3  1 
ATOM 276 H HG   . SER A 1 18 ? -5.729  4.506   -3.460  1.00 0.00 ? 18 SER A HG   1 
ATOM 277 N N    . TYR A 1 19 ? -2.760  4.001   0.259   1.00 4.78 ? 19 TYR A N    1 
ATOM 278 C CA   . TYR A 1 19 ? -2.021  4.967   1.126   1.00 4.80 ? 19 TYR A CA   1 
ATOM 279 C C    . TYR A 1 19 ? -0.537  4.760   0.853   1.00 2.45 ? 19 TYR A C    1 
ATOM 280 O O    . TYR A 1 19 ? 0.205   5.695   0.613   1.00 2.80 ? 19 TYR A O    1 
ATOM 281 C CB   . TYR A 1 19 ? -2.278  4.614   2.592   1.00 5.31 ? 19 TYR A CB   1 
ATOM 282 C CG   . TYR A 1 19 ? -3.728  4.814   2.998   1.00 4.90 ? 19 TYR A CG   1 
ATOM 283 C CD1  . TYR A 1 19 ? -4.681  5.339   2.109   1.00 4.99 ? 19 TYR A CD1  1 
ATOM 284 C CD2  . TYR A 1 19 ? -4.122  4.467   4.294   1.00 5.42 ? 19 TYR A CD2  1 
ATOM 285 C CE1  . TYR A 1 19 ? -6.008  5.516   2.507   1.00 2.66 ? 19 TYR A CE1  1 
ATOM 286 C CE2  . TYR A 1 19 ? -5.451  4.643   4.694   1.00 2.93 ? 19 TYR A CE2  1 
ATOM 287 C CZ   . TYR A 1 19 ? -6.397  5.168   3.803   1.00 2.40 ? 19 TYR A CZ   1 
ATOM 288 O OH   . TYR A 1 19 ? -7.706  5.345   4.196   1.00 2.22 ? 19 TYR A OH   1 
ATOM 289 H H    . TYR A 1 19 ? -3.358  3.368   0.709   1.00 0.00 ? 19 TYR A H    1 
ATOM 290 H HA   . TYR A 1 19 ? -2.317  5.985   0.931   1.00 0.00 ? 19 TYR A HA   1 
ATOM 291 H HB2  . TYR A 1 19 ? -1.979  3.590   2.756   1.00 0.00 ? 19 TYR A HB2  1 
ATOM 292 H HB3  . TYR A 1 19 ? -1.645  5.238   3.188   1.00 0.00 ? 19 TYR A HB3  1 
ATOM 293 H HD1  . TYR A 1 19 ? -4.388  5.610   1.106   1.00 0.00 ? 19 TYR A HD1  1 
ATOM 294 H HD2  . TYR A 1 19 ? -3.398  4.063   4.987   1.00 0.00 ? 19 TYR A HD2  1 
ATOM 295 H HE1  . TYR A 1 19 ? -6.728  5.920   1.810   1.00 0.00 ? 19 TYR A HE1  1 
ATOM 296 H HE2  . TYR A 1 19 ? -5.747  4.372   5.695   1.00 0.00 ? 19 TYR A HE2  1 
ATOM 297 H HH   . TYR A 1 19 ? -8.195  4.547   3.978   1.00 0.00 ? 19 TYR A HH   1 
ATOM 298 N N    . VAL A 1 20 ? -0.155  3.508   0.896   1.00 2.24 ? 20 VAL A N    1 
ATOM 299 C CA   . VAL A 1 20 ? 1.250   3.106   0.652   1.00 2.18 ? 20 VAL A CA   1 
ATOM 300 C C    . VAL A 1 20 ? 1.636   3.331   -0.821  1.00 2.79 ? 20 VAL A C    1 
ATOM 301 O O    . VAL A 1 20 ? 2.739   3.771   -1.090  1.00 3.10 ? 20 VAL A O    1 
ATOM 302 C CB   . VAL A 1 20 ? 1.429   1.644   1.071   1.00 2.04 ? 20 VAL A CB   1 
ATOM 303 C CG1  . VAL A 1 20 ? 2.627   0.989   0.382   1.00 2.56 ? 20 VAL A CG1  1 
ATOM 304 C CG2  . VAL A 1 20 ? 1.631   1.576   2.588   1.00 2.78 ? 20 VAL A CG2  1 
ATOM 305 H H    . VAL A 1 20 ? -0.819  2.814   1.096   1.00 0.00 ? 20 VAL A H    1 
ATOM 306 H HA   . VAL A 1 20 ? 1.837   3.722   1.296   1.00 0.00 ? 20 VAL A HA   1 
ATOM 307 H HB   . VAL A 1 20 ? 0.533   1.104   0.814   1.00 0.00 ? 20 VAL A HB   1 
ATOM 308 H HG11 . VAL A 1 20 ? 3.246   1.739   -0.088  1.00 0.00 ? 20 VAL A HG11 1 
ATOM 309 H HG12 . VAL A 1 20 ? 3.205   0.468   1.120   1.00 0.00 ? 20 VAL A HG12 1 
ATOM 310 H HG13 . VAL A 1 20 ? 2.280   0.289   -0.361  1.00 0.00 ? 20 VAL A HG13 1 
ATOM 311 H HG21 . VAL A 1 20 ? 1.916   2.546   2.966   1.00 0.00 ? 20 VAL A HG21 1 
ATOM 312 H HG22 . VAL A 1 20 ? 0.707   1.268   3.049   1.00 0.00 ? 20 VAL A HG22 1 
ATOM 313 H HG23 . VAL A 1 20 ? 2.405   0.859   2.824   1.00 0.00 ? 20 VAL A HG23 1 
ATOM 314 N N    . ILE A 1 21 ? 0.750   3.035   -1.750  1.00 3.08 ? 21 ILE A N    1 
ATOM 315 C CA   . ILE A 1 21 ? 1.020   3.210   -3.211  1.00 3.05 ? 21 ILE A CA   1 
ATOM 316 C C    . ILE A 1 21 ? 1.213   4.700   -3.519  1.00 2.29 ? 21 ILE A C    1 
ATOM 317 O O    . ILE A 1 21 ? 2.116   5.074   -4.247  1.00 2.57 ? 21 ILE A O    1 
ATOM 318 C CB   . ILE A 1 21 ? -0.142  2.670   -4.052  1.00 3.14 ? 21 ILE A CB   1 
ATOM 319 C CG1  . ILE A 1 21 ? -0.590  1.311   -3.512  1.00 3.44 ? 21 ILE A CG1  1 
ATOM 320 C CG2  . ILE A 1 21 ? 0.345   2.484   -5.489  1.00 3.54 ? 21 ILE A CG2  1 
ATOM 321 C CD1  . ILE A 1 21 ? -1.577  0.633   -4.459  1.00 3.48 ? 21 ILE A CD1  1 
ATOM 322 H H    . ILE A 1 21 ? -0.124  2.684   -1.490  1.00 0.00 ? 21 ILE A H    1 
ATOM 323 H HA   . ILE A 1 21 ? 1.910   2.655   -3.456  1.00 0.00 ? 21 ILE A HA   1 
ATOM 324 H HB   . ILE A 1 21 ? -0.960  3.374   -4.006  1.00 0.00 ? 21 ILE A HB   1 
ATOM 325 H HG12 . ILE A 1 21 ? 0.268   0.677   -3.375  1.00 0.00 ? 21 ILE A HG12 1 
ATOM 326 H HG13 . ILE A 1 21 ? -1.065  1.473   -2.564  1.00 0.00 ? 21 ILE A HG13 1 
ATOM 327 H HG21 . ILE A 1 21 ? 0.862   3.372   -5.813  1.00 0.00 ? 21 ILE A HG21 1 
ATOM 328 H HG22 . ILE A 1 21 ? 1.018   1.638   -5.524  1.00 0.00 ? 21 ILE A HG22 1 
ATOM 329 H HG23 . ILE A 1 21 ? -0.501  2.292   -6.132  1.00 0.00 ? 21 ILE A HG23 1 
ATOM 330 H HD11 . ILE A 1 21 ? -1.146  0.604   -5.446  1.00 0.00 ? 21 ILE A HD11 1 
ATOM 331 H HD12 . ILE A 1 21 ? -1.769  -0.371  -4.115  1.00 0.00 ? 21 ILE A HD12 1 
ATOM 332 H HD13 . ILE A 1 21 ? -2.491  1.204   -4.481  1.00 0.00 ? 21 ILE A HD13 1 
ATOM 333 N N    . ASN A 1 22 ? 0.359   5.524   -2.952  1.00 1.91 ? 22 ASN A N    1 
ATOM 334 C CA   . ASN A 1 22 ? 0.409   7.005   -3.142  1.00 1.75 ? 22 ASN A CA   1 
ATOM 335 C C    . ASN A 1 22 ? 1.503   7.636   -2.262  1.00 1.61 ? 22 ASN A C    1 
ATOM 336 O O    . ASN A 1 22 ? 1.874   8.770   -2.506  1.00 1.55 ? 22 ASN A O    1 
ATOM 337 C CB   . ASN A 1 22 ? -0.951  7.592   -2.739  1.00 1.75 ? 22 ASN A CB   1 
ATOM 338 C CG   . ASN A 1 22 ? -1.816  7.873   -3.974  1.00 1.85 ? 22 ASN A CG   1 
ATOM 339 O OD1  . ASN A 1 22 ? -1.546  8.783   -4.730  1.00 1.30 ? 22 ASN A OD1  1 
ATOM 340 N ND2  . ASN A 1 22 ? -2.860  7.129   -4.217  1.00 1.55 ? 22 ASN A ND2  1 
ATOM 341 H H    . ASN A 1 22 ? -0.345  5.159   -2.372  1.00 0.00 ? 22 ASN A H    1 
ATOM 342 H HA   . ASN A 1 22 ? 0.601   7.237   -4.177  1.00 0.00 ? 22 ASN A HA   1 
ATOM 343 H HB2  . ASN A 1 22 ? -1.465  6.895   -2.095  1.00 0.00 ? 22 ASN A HB2  1 
ATOM 344 H HB3  . ASN A 1 22 ? -0.793  8.509   -2.198  1.00 0.00 ? 22 ASN A HB3  1 
ATOM 345 H HD21 . ASN A 1 22 ? -3.095  6.392   -3.617  1.00 0.00 ? 22 ASN A HD21 1 
ATOM 346 H HD22 . ASN A 1 22 ? -3.411  7.307   -5.007  1.00 0.00 ? 22 ASN A HD22 1 
ATOM 347 N N    . GLY A 1 23 ? 2.004   6.941   -1.260  1.00 2.02 ? 23 GLY A N    1 
ATOM 348 C CA   . GLY A 1 23 ? 3.062   7.485   -0.350  1.00 2.20 ? 23 GLY A CA   1 
ATOM 349 C C    . GLY A 1 23 ? 2.410   8.470   0.628   1.00 2.16 ? 23 GLY A C    1 
ATOM 350 O O    . GLY A 1 23 ? 3.008   9.465   0.994   1.00 2.09 ? 23 GLY A O    1 
ATOM 351 H H    . GLY A 1 23 ? 1.677   6.035   -1.084  1.00 0.00 ? 23 GLY A H    1 
ATOM 352 H HA2  . GLY A 1 23 ? 3.520   6.673   0.195   1.00 0.00 ? 23 GLY A HA2  1 
ATOM 353 H HA3  . GLY A 1 23 ? 3.810   8.006   -0.928  1.00 0.00 ? 23 GLY A HA3  1 
ATOM 354 N N    . LYS A 1 24 ? 1.191   8.192   1.037   1.00 2.48 ? 24 LYS A N    1 
ATOM 355 C CA   . LYS A 1 24 ? 0.414   9.048   1.977   1.00 2.60 ? 24 LYS A CA   1 
ATOM 356 C C    . LYS A 1 24 ? 0.091   8.342   3.302   1.00 2.15 ? 24 LYS A C    1 
ATOM 357 O O    . LYS A 1 24 ? -0.742  8.822   4.051   1.00 2.38 ? 24 LYS A O    1 
ATOM 358 C CB   . LYS A 1 24 ? -0.896  9.309   1.263   1.00 2.78 ? 24 LYS A CB   1 
ATOM 359 C CG   . LYS A 1 24 ? -0.793  10.508  0.321   1.00 2.35 ? 24 LYS A CG   1 
ATOM 360 C CD   . LYS A 1 24 ? -2.209  10.876  -0.111  1.00 2.49 ? 24 LYS A CD   1 
ATOM 361 C CE   . LYS A 1 24 ? -2.192  12.069  -1.068  1.00 2.15 ? 24 LYS A CE   1 
ATOM 362 N NZ   . LYS A 1 24 ? -3.535  12.183  -1.706  1.00 2.07 ? 24 LYS A NZ   1 
ATOM 363 H H    . LYS A 1 24 ? 0.743   7.383   0.712   1.00 0.00 ? 24 LYS A H    1 
ATOM 364 H HA   . LYS A 1 24 ? 0.887   9.995   2.154   1.00 0.00 ? 24 LYS A HA   1 
ATOM 365 H HB2  . LYS A 1 24 ? -1.169  8.425   0.704   1.00 0.00 ? 24 LYS A HB2  1 
ATOM 366 H HB3  . LYS A 1 24 ? -1.629  9.493   2.022   1.00 0.00 ? 24 LYS A HB3  1 
ATOM 367 H HG2  . LYS A 1 24 ? -0.327  11.336  0.833   1.00 0.00 ? 24 LYS A HG2  1 
ATOM 368 H HG3  . LYS A 1 24 ? -0.213  10.242  -0.549  1.00 0.00 ? 24 LYS A HG3  1 
ATOM 369 H HD2  . LYS A 1 24 ? -2.658  10.027  -0.606  1.00 0.00 ? 24 LYS A HD2  1 
ATOM 370 H HD3  . LYS A 1 24 ? -2.790  11.127  0.763   1.00 0.00 ? 24 LYS A HD3  1 
ATOM 371 H HE2  . LYS A 1 24 ? -1.971  12.972  -0.516  1.00 0.00 ? 24 LYS A HE2  1 
ATOM 372 H HE3  . LYS A 1 24 ? -1.442  11.916  -1.830  1.00 0.00 ? 24 LYS A HE3  1 
ATOM 373 H HZ1  . LYS A 1 24 ? -4.260  12.283  -0.965  1.00 0.00 ? 24 LYS A HZ1  1 
ATOM 374 H HZ2  . LYS A 1 24 ? -3.557  13.012  -2.332  1.00 0.00 ? 24 LYS A HZ2  1 
ATOM 375 H HZ3  . LYS A 1 24 ? -3.729  11.330  -2.268  1.00 0.00 ? 24 LYS A HZ3  1 
ATOM 376 N N    . ALA A 1 25 ? 0.726   7.228   3.586   1.00 1.75 ? 25 ALA A N    1 
ATOM 377 C CA   . ALA A 1 25 ? 0.495   6.443   4.842   1.00 1.87 ? 25 ALA A CA   1 
ATOM 378 C C    . ALA A 1 25 ? 0.393   7.330   6.092   1.00 1.87 ? 25 ALA A C    1 
ATOM 379 O O    . ALA A 1 25 ? -0.620  7.282   6.771   1.00 1.77 ? 25 ALA A O    1 
ATOM 380 C CB   . ALA A 1 25 ? 1.616   5.414   5.017   1.00 1.57 ? 25 ALA A CB   1 
ATOM 381 H H    . ALA A 1 25 ? 1.381   6.889   2.942   1.00 0.00 ? 25 ALA A H    1 
ATOM 382 H HA   . ALA A 1 25 ? -0.439  5.913   4.733   1.00 0.00 ? 25 ALA A HA   1 
ATOM 383 H HB1  . ALA A 1 25 ? 2.566   5.859   4.770   1.00 0.00 ? 25 ALA A HB1  1 
ATOM 384 H HB2  . ALA A 1 25 ? 1.628   5.079   6.044   1.00 0.00 ? 25 ALA A HB2  1 
ATOM 385 H HB3  . ALA A 1 25 ? 1.427   4.568   4.371   1.00 0.00 ? 25 ALA A HB3  1 
ATOM 386 N N    . LYS A 1 26 ? 1.412   8.116   6.375   1.00 1.86 ? 26 LYS A N    1 
ATOM 387 C CA   . LYS A 1 26 ? 1.438   9.029   7.554   1.00 1.47 ? 26 LYS A CA   1 
ATOM 388 C C    . LYS A 1 26 ? 0.242   10.002  7.512   1.00 2.36 ? 26 LYS A C    1 
ATOM 389 O O    . LYS A 1 26 ? -0.292  10.340  8.550   1.00 2.22 ? 26 LYS A O    1 
ATOM 390 C CB   . LYS A 1 26 ? 2.761   9.807   7.557   1.00 1.71 ? 26 LYS A CB   1 
ATOM 391 C CG   . LYS A 1 26 ? 3.704   9.297   8.658   1.00 1.84 ? 26 LYS A CG   1 
ATOM 392 C CD   . LYS A 1 26 ? 4.917   8.602   8.030   1.00 1.66 ? 26 LYS A CD   1 
ATOM 393 C CE   . LYS A 1 26 ? 5.952   8.230   9.101   1.00 2.37 ? 26 LYS A CE   1 
ATOM 394 N NZ   . LYS A 1 26 ? 6.941   9.331   9.301   1.00 2.61 ? 26 LYS A NZ   1 
ATOM 395 H H    . LYS A 1 26 ? 2.193   8.112   5.793   1.00 0.00 ? 26 LYS A H    1 
ATOM 396 H HA   . LYS A 1 26 ? 1.379   8.421   8.440   1.00 0.00 ? 26 LYS A HA   1 
ATOM 397 H HB2  . LYS A 1 26 ? 3.240   9.694   6.595   1.00 0.00 ? 26 LYS A HB2  1 
ATOM 398 H HB3  . LYS A 1 26 ? 2.555   10.852  7.718   1.00 0.00 ? 26 LYS A HB3  1 
ATOM 399 H HG2  . LYS A 1 26 ? 4.038   10.133  9.256   1.00 0.00 ? 26 LYS A HG2  1 
ATOM 400 H HG3  . LYS A 1 26 ? 3.180   8.596   9.291   1.00 0.00 ? 26 LYS A HG3  1 
ATOM 401 H HD2  . LYS A 1 26 ? 4.589   7.701   7.532   1.00 0.00 ? 26 LYS A HD2  1 
ATOM 402 H HD3  . LYS A 1 26 ? 5.372   9.260   7.306   1.00 0.00 ? 26 LYS A HD3  1 
ATOM 403 H HE2  . LYS A 1 26 ? 5.449   8.035   10.035  1.00 0.00 ? 26 LYS A HE2  1 
ATOM 404 H HE3  . LYS A 1 26 ? 6.471   7.334   8.791   1.00 0.00 ? 26 LYS A HE3  1 
ATOM 405 H HZ1  . LYS A 1 26 ? 7.136   9.811   8.397   1.00 0.00 ? 26 LYS A HZ1  1 
ATOM 406 H HZ2  . LYS A 1 26 ? 6.565   10.022  9.981   1.00 0.00 ? 26 LYS A HZ2  1 
ATOM 407 H HZ3  . LYS A 1 26 ? 7.823   8.924   9.674   1.00 0.00 ? 26 LYS A HZ3  1 
ATOM 408 N N    . GLN A 1 27 ? -0.165  10.433  6.334   1.00 2.64 ? 27 GLN A N    1 
ATOM 409 C CA   . GLN A 1 27 ? -1.322  11.376  6.156   1.00 2.82 ? 27 GLN A CA   1 
ATOM 410 C C    . GLN A 1 27 ? -2.614  10.750  6.689   1.00 2.43 ? 27 GLN A C    1 
ATOM 411 O O    . GLN A 1 27 ? -3.386  11.388  7.383   1.00 2.10 ? 27 GLN A O    1 
ATOM 412 C CB   . GLN A 1 27 ? -1.601  11.632  4.667   1.00 2.96 ? 27 GLN A CB   1 
ATOM 413 C CG   . GLN A 1 27 ? -0.338  12.054  3.916   1.00 3.20 ? 27 GLN A CG   1 
ATOM 414 C CD   . GLN A 1 27 ? -0.639  13.258  3.020   1.00 2.99 ? 27 GLN A CD   1 
ATOM 415 O OE1  . GLN A 1 27 ? -1.124  13.113  1.916   1.00 3.42 ? 27 GLN A OE1  1 
ATOM 416 N NE2  . GLN A 1 27 ? -0.374  14.462  3.445   1.00 3.60 ? 27 GLN A NE2  1 
ATOM 417 H H    . GLN A 1 27 ? 0.305   10.119  5.531   1.00 0.00 ? 27 GLN A H    1 
ATOM 418 H HA   . GLN A 1 27 ? -1.123  12.315  6.647   1.00 0.00 ? 27 GLN A HA   1 
ATOM 419 H HB2  . GLN A 1 27 ? -1.980  10.719  4.222   1.00 0.00 ? 27 GLN A HB2  1 
ATOM 420 H HB3  . GLN A 1 27 ? -2.354  12.397  4.570   1.00 0.00 ? 27 GLN A HB3  1 
ATOM 421 H HG2  . GLN A 1 27 ? 0.439   12.309  4.623   1.00 0.00 ? 27 GLN A HG2  1 
ATOM 422 H HG3  . GLN A 1 27 ? -0.018  11.225  3.305   1.00 0.00 ? 27 GLN A HG3  1 
ATOM 423 H HE21 . GLN A 1 27 ? 0.017   14.601  4.333   1.00 0.00 ? 27 GLN A HE21 1 
ATOM 424 H HE22 . GLN A 1 27 ? -0.565  15.232  2.869   1.00 0.00 ? 27 GLN A HE22 1 
ATOM 425 N N    . TYR A 1 28 ? -2.827  9.507   6.334   1.00 2.69 ? 28 TYR A N    1 
ATOM 426 C CA   . TYR A 1 28 ? -4.028  8.740   6.737   1.00 2.96 ? 28 TYR A CA   1 
ATOM 427 C C    . TYR A 1 28 ? -3.831  8.214   8.165   1.00 3.44 ? 28 TYR A C    1 
ATOM 428 O O    . TYR A 1 28 ? -4.023  8.976   9.096   1.00 3.61 ? 28 TYR A O    1 
ATOM 429 C CB   . TYR A 1 28 ? -4.178  7.658   5.657   1.00 2.65 ? 28 TYR A CB   1 
ATOM 430 C CG   . TYR A 1 28 ? -4.399  8.282   4.293   1.00 2.47 ? 28 TYR A CG   1 
ATOM 431 C CD1  . TYR A 1 28 ? -5.452  9.182   4.086   1.00 3.05 ? 28 TYR A CD1  1 
ATOM 432 C CD2  . TYR A 1 28 ? -3.554  7.955   3.226   1.00 3.25 ? 28 TYR A CD2  1 
ATOM 433 C CE1  . TYR A 1 28 ? -5.662  9.749   2.825   1.00 3.22 ? 28 TYR A CE1  1 
ATOM 434 C CE2  . TYR A 1 28 ? -3.763  8.523   1.966   1.00 3.08 ? 28 TYR A CE2  1 
ATOM 435 C CZ   . TYR A 1 28 ? -4.817  9.419   1.763   1.00 3.20 ? 28 TYR A CZ   1 
ATOM 436 O OH   . TYR A 1 28 ? -5.019  9.973   0.515   1.00 3.01 ? 28 TYR A OH   1 
ATOM 437 H H    . TYR A 1 28 ? -2.177  9.042   5.766   1.00 0.00 ? 28 TYR A H    1 
ATOM 438 H HA   . TYR A 1 28 ? -4.890  9.392   6.716   1.00 0.00 ? 28 TYR A HA   1 
ATOM 439 H HB2  . TYR A 1 28 ? -3.279  7.056   5.624   1.00 0.00 ? 28 TYR A HB2  1 
ATOM 440 H HB3  . TYR A 1 28 ? -5.011  7.030   5.899   1.00 0.00 ? 28 TYR A HB3  1 
ATOM 441 H HD1  . TYR A 1 28 ? -6.104  9.439   4.904   1.00 0.00 ? 28 TYR A HD1  1 
ATOM 442 H HD2  . TYR A 1 28 ? -2.734  7.267   3.371   1.00 0.00 ? 28 TYR A HD2  1 
ATOM 443 H HE1  . TYR A 1 28 ? -6.476  10.443  2.674   1.00 0.00 ? 28 TYR A HE1  1 
ATOM 444 H HE2  . TYR A 1 28 ? -3.110  8.266   1.145   1.00 0.00 ? 28 TYR A HE2  1 
ATOM 445 H HH   . TYR A 1 28 ? -5.396  9.291   -0.046  1.00 0.00 ? 28 TYR A HH   1 
ATOM 446 N N    . ARG A 1 29 ? -3.456  6.967   8.348   1.00 3.76 ? 29 ARG A N    1 
ATOM 447 C CA   . ARG A 1 29 ? -3.230  6.375   9.701   1.00 3.50 ? 29 ARG A CA   1 
ATOM 448 C C    . ARG A 1 29 ? -2.417  5.072   9.626   1.00 4.72 ? 29 ARG A C    1 
ATOM 449 O O    . ARG A 1 29 ? -2.653  4.131   10.367  1.00 2.56 ? 29 ARG A O    1 
ATOM 450 C CB   . ARG A 1 29 ? -4.565  6.190   10.440  1.00 3.45 ? 29 ARG A CB   1 
ATOM 451 C CG   . ARG A 1 29 ? -4.731  7.302   11.478  1.00 3.84 ? 29 ARG A CG   1 
ATOM 452 C CD   . ARG A 1 29 ? -5.914  6.993   12.400  1.00 4.11 ? 29 ARG A CD   1 
ATOM 453 N NE   . ARG A 1 29 ? -7.190  7.432   11.758  1.00 4.20 ? 29 ARG A NE   1 
ATOM 454 C CZ   . ARG A 1 29 ? -8.337  7.153   12.321  1.00 4.48 ? 29 ARG A CZ   1 
ATOM 455 N NH1  . ARG A 1 29 ? -8.933  6.018   12.052  1.00 4.52 ? 29 ARG A NH1  1 
ATOM 456 N NH2  . ARG A 1 29 ? -8.876  8.014   13.147  1.00 4.32 ? 29 ARG A NH2  1 
ATOM 457 H H    . ARG A 1 29 ? -3.306  6.404   7.573   1.00 0.00 ? 29 ARG A H    1 
ATOM 458 H HA   . ARG A 1 29 ? -2.612  7.074   10.234  1.00 0.00 ? 29 ARG A HA   1 
ATOM 459 H HB2  . ARG A 1 29 ? -5.379  6.231   9.731   1.00 0.00 ? 29 ARG A HB2  1 
ATOM 460 H HB3  . ARG A 1 29 ? -4.574  5.233   10.941  1.00 0.00 ? 29 ARG A HB3  1 
ATOM 461 H HG2  . ARG A 1 29 ? -3.823  7.380   12.057  1.00 0.00 ? 29 ARG A HG2  1 
ATOM 462 H HG3  . ARG A 1 29 ? -4.910  8.236   10.967  1.00 0.00 ? 29 ARG A HG3  1 
ATOM 463 H HD2  . ARG A 1 29 ? -5.955  5.931   12.595  1.00 0.00 ? 29 ARG A HD2  1 
ATOM 464 H HD3  . ARG A 1 29 ? -5.783  7.521   13.335  1.00 0.00 ? 29 ARG A HD3  1 
ATOM 465 H HE   . ARG A 1 29 ? -7.170  7.931   10.912  1.00 0.00 ? 29 ARG A HE   1 
ATOM 466 H HH11 . ARG A 1 29 ? -8.508  5.371   11.419  1.00 0.00 ? 29 ARG A HH11 1 
ATOM 467 H HH12 . ARG A 1 29 ? -9.810  5.792   12.475  1.00 0.00 ? 29 ARG A HH12 1 
ATOM 468 H HH21 . ARG A 1 29 ? -8.409  8.877   13.342  1.00 0.00 ? 29 ARG A HH21 1 
ATOM 469 H HH22 . ARG A 1 29 ? -9.753  7.817   13.586  1.00 0.00 ? 29 ARG A HH22 1 
ATOM 470 N N    . VAL A 1 30 ? -1.453  5.026   8.740   1.00 2.43 ? 30 VAL A N    1 
ATOM 471 C CA   . VAL A 1 30 ? -0.585  3.818   8.579   1.00 2.71 ? 30 VAL A CA   1 
ATOM 472 C C    . VAL A 1 30 ? 0.887   4.276   8.583   1.00 3.13 ? 30 VAL A C    1 
ATOM 473 O O    . VAL A 1 30 ? 1.712   3.767   7.849   1.00 3.09 ? 30 VAL A O    1 
ATOM 474 C CB   . VAL A 1 30 ? -0.991  3.044   7.307   1.00 2.86 ? 30 VAL A CB   1 
ATOM 475 C CG1  . VAL A 1 30 ? -2.503  3.017   7.097   1.00 2.74 ? 30 VAL A CG1  1 
ATOM 476 C CG2  . VAL A 1 30 ? -0.427  3.650   6.029   1.00 2.77 ? 30 VAL A CG2  1 
ATOM 477 H H    . VAL A 1 30 ? -1.286  5.804   8.170   1.00 0.00 ? 30 VAL A H    1 
ATOM 478 H HA   . VAL A 1 30 ? -0.727  3.188   9.449   1.00 0.00 ? 30 VAL A HA   1 
ATOM 479 H HB   . VAL A 1 30 ? -0.632  2.039   7.405   1.00 0.00 ? 30 VAL A HB   1 
ATOM 480 H HG11 . VAL A 1 30 ? -2.982  2.544   7.937   1.00 0.00 ? 30 VAL A HG11 1 
ATOM 481 H HG12 . VAL A 1 30 ? -2.857  4.033   6.988   1.00 0.00 ? 30 VAL A HG12 1 
ATOM 482 H HG13 . VAL A 1 30 ? -2.717  2.469   6.192   1.00 0.00 ? 30 VAL A HG13 1 
ATOM 483 H HG21 . VAL A 1 30 ? -0.483  4.724   6.105   1.00 0.00 ? 30 VAL A HG21 1 
ATOM 484 H HG22 . VAL A 1 30 ? 0.602   3.345   5.910   1.00 0.00 ? 30 VAL A HG22 1 
ATOM 485 H HG23 . VAL A 1 30 ? -1.005  3.319   5.179   1.00 0.00 ? 30 VAL A HG23 1 
ATOM 486 N N    . SER A 1 31 ? 1.184   5.251   9.422   1.00 3.36 ? 31 SER A N    1 
ATOM 487 C CA   . SER A 1 31 ? 2.526   5.892   9.623   1.00 3.65 ? 31 SER A CA   1 
ATOM 488 C C    . SER A 1 31 ? 3.747   5.000   9.338   1.00 3.67 ? 31 SER A C    1 
ATOM 489 O O    . SER A 1 31 ? 4.691   5.461   8.721   1.00 3.51 ? 31 SER A O    1 
ATOM 490 C CB   . SER A 1 31 ? 2.556   6.449   11.052  1.00 3.42 ? 31 SER A CB   1 
ATOM 491 O OG   . SER A 1 31 ? 3.726   7.229   11.270  1.00 3.71 ? 31 SER A OG   1 
ATOM 492 H H    . SER A 1 31 ? 0.457   5.605   9.971   1.00 0.00 ? 31 SER A H    1 
ATOM 493 H HA   . SER A 1 31 ? 2.574   6.729   8.958   1.00 0.00 ? 31 SER A HA   1 
ATOM 494 H HB2  . SER A 1 31 ? 1.696   7.081   11.202  1.00 0.00 ? 31 SER A HB2  1 
ATOM 495 H HB3  . SER A 1 31 ? 2.500   5.625   11.751  1.00 0.00 ? 31 SER A HB3  1 
ATOM 496 H HG   . SER A 1 31 ? 4.423   6.641   11.573  1.00 0.00 ? 31 SER A HG   1 
ATOM 497 N N    . ASP A 1 32 ? 3.722   3.765   9.773   1.00 2.42 ? 32 ASP A N    1 
ATOM 498 C CA   . ASP A 1 32 ? 4.865   2.818   9.542   1.00 2.35 ? 32 ASP A CA   1 
ATOM 499 C C    . ASP A 1 32 ? 4.436   1.345   9.529   1.00 1.99 ? 32 ASP A C    1 
ATOM 500 O O    . ASP A 1 32 ? 4.941   0.579   8.729   1.00 1.75 ? 32 ASP A O    1 
ATOM 501 C CB   . ASP A 1 32 ? 5.961   3.053   10.587  1.00 2.30 ? 32 ASP A CB   1 
ATOM 502 C CG   . ASP A 1 32 ? 7.208   3.643   9.914   1.00 2.44 ? 32 ASP A CG   1 
ATOM 503 O OD1  . ASP A 1 32 ? 7.960   2.883   9.323   1.00 2.12 ? 32 ASP A OD1  1 
ATOM 504 O OD2  . ASP A 1 32 ? 7.397   4.847   9.999   1.00 2.01 ? 32 ASP A OD2  1 
ATOM 505 H H    . ASP A 1 32 ? 2.926   3.473   10.256  1.00 0.00 ? 32 ASP A H    1 
ATOM 506 H HA   . ASP A 1 32 ? 5.273   3.036   8.573   1.00 0.00 ? 32 ASP A HA   1 
ATOM 507 H HB2  . ASP A 1 32 ? 5.589   3.740   11.330  1.00 0.00 ? 32 ASP A HB2  1 
ATOM 508 H HB3  . ASP A 1 32 ? 6.218   2.117   11.059  1.00 0.00 ? 32 ASP A HB3  1 
ATOM 509 N N    . LYS A 1 33 ? 3.522   0.970   10.397  1.00 2.31 ? 33 LYS A N    1 
ATOM 510 C CA   . LYS A 1 33 ? 2.984   -0.424  10.522  1.00 2.64 ? 33 LYS A CA   1 
ATOM 511 C C    . LYS A 1 33 ? 2.656   -1.019  9.144   1.00 1.50 ? 33 LYS A C    1 
ATOM 512 O O    . LYS A 1 33 ? 3.112   -2.102  8.816   1.00 1.55 ? 33 LYS A O    1 
ATOM 513 C CB   . LYS A 1 33 ? 1.703   -0.364  11.353  1.00 2.08 ? 33 LYS A CB   1 
ATOM 514 C CG   . LYS A 1 33 ? 2.012   -0.026  12.816  1.00 2.30 ? 33 LYS A CG   1 
ATOM 515 C CD   . LYS A 1 33 ? 1.536   1.398   13.129  1.00 2.25 ? 33 LYS A CD   1 
ATOM 516 C CE   . LYS A 1 33 ? 0.405   1.366   14.163  1.00 2.45 ? 33 LYS A CE   1 
ATOM 517 N NZ   . LYS A 1 33 ? -0.856  0.871   13.535  1.00 1.64 ? 33 LYS A NZ   1 
ATOM 518 H H    . LYS A 1 33 ? 3.167   1.645   11.002  1.00 0.00 ? 33 LYS A H    1 
ATOM 519 H HA   . LYS A 1 33 ? 3.700   -1.054  11.028  1.00 0.00 ? 33 LYS A HA   1 
ATOM 520 H HB2  . LYS A 1 33 ? 1.043   0.382   10.936  1.00 0.00 ? 33 LYS A HB2  1 
ATOM 521 H HB3  . LYS A 1 33 ? 1.228   -1.322  11.298  1.00 0.00 ? 33 LYS A HB3  1 
ATOM 522 H HG2  . LYS A 1 33 ? 1.505   -0.731  13.459  1.00 0.00 ? 33 LYS A HG2  1 
ATOM 523 H HG3  . LYS A 1 33 ? 3.076   -0.092  12.988  1.00 0.00 ? 33 LYS A HG3  1 
ATOM 524 H HD2  . LYS A 1 33 ? 2.365   1.969   13.522  1.00 0.00 ? 33 LYS A HD2  1 
ATOM 525 H HD3  . LYS A 1 33 ? 1.180   1.867   12.223  1.00 0.00 ? 33 LYS A HD3  1 
ATOM 526 H HE2  . LYS A 1 33 ? 0.680   0.711   14.977  1.00 0.00 ? 33 LYS A HE2  1 
ATOM 527 H HE3  . LYS A 1 33 ? 0.247   2.363   14.551  1.00 0.00 ? 33 LYS A HE3  1 
ATOM 528 H HZ1  . LYS A 1 33 ? -0.713  -0.090  13.166  1.00 0.00 ? 33 LYS A HZ1  1 
ATOM 529 H HZ2  . LYS A 1 33 ? -1.608  0.852   14.255  1.00 0.00 ? 33 LYS A HZ2  1 
ATOM 530 H HZ3  . LYS A 1 33 ? -1.136  1.501   12.755  1.00 0.00 ? 33 LYS A HZ3  1 
ATOM 531 N N    . THR A 1 34 ? 1.882   -0.303  8.356   1.00 1.74 ? 34 THR A N    1 
ATOM 532 C CA   . THR A 1 34 ? 1.501   -0.760  6.985   1.00 1.22 ? 34 THR A CA   1 
ATOM 533 C C    . THR A 1 34 ? 2.571   -0.315  5.986   1.00 1.77 ? 34 THR A C    1 
ATOM 534 O O    . THR A 1 34 ? 2.657   -0.922  4.942   1.00 1.52 ? 34 THR A O    1 
ATOM 535 C CB   . THR A 1 34 ? 0.115   -0.231  6.572   1.00 0.98 ? 34 THR A CB   1 
ATOM 536 O OG1  . THR A 1 34 ? -0.731  -1.331  6.298   1.00 1.24 ? 34 THR A OG1  1 
ATOM 537 C CG2  . THR A 1 34 ? 0.145   0.662   5.324   1.00 1.55 ? 34 THR A CG2  1 
ATOM 538 H H    . THR A 1 34 ? 1.553   0.562   8.674   1.00 0.00 ? 34 THR A H    1 
ATOM 539 H HA   . THR A 1 34 ? 1.482   -1.839  6.986   1.00 0.00 ? 34 THR A HA   1 
ATOM 540 H HB   . THR A 1 34 ? -0.303  0.315   7.393   1.00 0.00 ? 34 THR A HB   1 
ATOM 541 H HG1  . THR A 1 34 ? -0.993  -1.720  7.134   1.00 0.00 ? 34 THR A HG1  1 
ATOM 542 H HG21 . THR A 1 34 ? 0.852   1.468   5.472   1.00 0.00 ? 34 THR A HG21 1 
ATOM 543 H HG22 . THR A 1 34 ? 0.463   0.069   4.478   1.00 0.00 ? 34 THR A HG22 1 
ATOM 544 H HG23 . THR A 1 34 ? -0.833  1.067   5.132   1.00 0.00 ? 34 THR A HG23 1 
ATOM 545 N N    . VAL A 1 35 ? 3.359   0.703   6.273   1.00 1.44 ? 35 VAL A N    1 
ATOM 546 C CA   . VAL A 1 35 ? 4.413   1.166   5.324   1.00 1.37 ? 35 VAL A CA   1 
ATOM 547 C C    . VAL A 1 35 ? 5.250   -0.064  4.975   1.00 2.15 ? 35 VAL A C    1 
ATOM 548 O O    . VAL A 1 35 ? 5.158   -0.535  3.866   1.00 2.56 ? 35 VAL A O    1 
ATOM 549 C CB   . VAL A 1 35 ? 5.231   2.290   5.978   1.00 1.81 ? 35 VAL A CB   1 
ATOM 550 C CG1  . VAL A 1 35 ? 6.271   2.854   5.015   1.00 1.92 ? 35 VAL A CG1  1 
ATOM 551 C CG2  . VAL A 1 35 ? 4.290   3.436   6.332   1.00 2.17 ? 35 VAL A CG2  1 
ATOM 552 H H    . VAL A 1 35 ? 3.265   1.178   7.123   1.00 0.00 ? 35 VAL A H    1 
ATOM 553 H HA   . VAL A 1 35 ? 3.931   1.523   4.422   1.00 0.00 ? 35 VAL A HA   1 
ATOM 554 H HB   . VAL A 1 35 ? 5.711   1.934   6.875   1.00 0.00 ? 35 VAL A HB   1 
ATOM 555 H HG11 . VAL A 1 35 ? 6.915   2.057   4.682   1.00 0.00 ? 35 VAL A HG11 1 
ATOM 556 H HG12 . VAL A 1 35 ? 5.763   3.302   4.173   1.00 0.00 ? 35 VAL A HG12 1 
ATOM 557 H HG13 . VAL A 1 35 ? 6.849   3.606   5.531   1.00 0.00 ? 35 VAL A HG13 1 
ATOM 558 H HG21 . VAL A 1 35 ? 3.565   3.553   5.540   1.00 0.00 ? 35 VAL A HG21 1 
ATOM 559 H HG22 . VAL A 1 35 ? 3.785   3.201   7.255   1.00 0.00 ? 35 VAL A HG22 1 
ATOM 560 H HG23 . VAL A 1 35 ? 4.858   4.345   6.448   1.00 0.00 ? 35 VAL A HG23 1 
ATOM 561 N N    . GLU A 1 36 ? 6.035   -0.598  5.873   1.00 2.68 ? 36 GLU A N    1 
ATOM 562 C CA   . GLU A 1 36 ? 6.845   -1.816  5.527   1.00 2.52 ? 36 GLU A CA   1 
ATOM 563 C C    . GLU A 1 36 ? 5.949   -2.961  4.997   1.00 2.06 ? 36 GLU A C    1 
ATOM 564 O O    . GLU A 1 36 ? 6.304   -3.629  4.043   1.00 2.31 ? 36 GLU A O    1 
ATOM 565 C CB   . GLU A 1 36 ? 7.674   -2.284  6.734   1.00 2.88 ? 36 GLU A CB   1 
ATOM 566 C CG   . GLU A 1 36 ? 6.781   -2.553  7.958   1.00 3.24 ? 36 GLU A CG   1 
ATOM 567 C CD   . GLU A 1 36 ? 7.626   -2.618  9.235   1.00 2.26 ? 36 GLU A CD   1 
ATOM 568 O OE1  . GLU A 1 36 ? 7.956   -1.572  9.774   1.00 2.47 ? 36 GLU A OE1  1 
ATOM 569 O OE2  . GLU A 1 36 ? 7.931   -3.718  9.665   1.00 2.18 ? 36 GLU A OE2  1 
ATOM 570 H H    . GLU A 1 36 ? 6.076   -0.197  6.770   1.00 0.00 ? 36 GLU A H    1 
ATOM 571 H HA   . GLU A 1 36 ? 7.510   -1.526  4.726   1.00 0.00 ? 36 GLU A HA   1 
ATOM 572 H HB2  . GLU A 1 36 ? 8.195   -3.193  6.473   1.00 0.00 ? 36 GLU A HB2  1 
ATOM 573 H HB3  . GLU A 1 36 ? 8.396   -1.521  6.983   1.00 0.00 ? 36 GLU A HB3  1 
ATOM 574 H HG2  . GLU A 1 36 ? 6.052   -1.764  8.058   1.00 0.00 ? 36 GLU A HG2  1 
ATOM 575 H HG3  . GLU A 1 36 ? 6.269   -3.494  7.826   1.00 0.00 ? 36 GLU A HG3  1 
ATOM 576 N N    . LYS A 1 37 ? 4.807   -3.168  5.616   1.00 2.66 ? 37 LYS A N    1 
ATOM 577 C CA   . LYS A 1 37 ? 3.814   -4.233  5.242   1.00 2.16 ? 37 LYS A CA   1 
ATOM 578 C C    . LYS A 1 37 ? 3.317   -4.120  3.787   1.00 2.81 ? 37 LYS A C    1 
ATOM 579 O O    . LYS A 1 37 ? 3.468   -5.023  2.984   1.00 3.27 ? 37 LYS A O    1 
ATOM 580 C CB   . LYS A 1 37 ? 2.609   -4.056  6.178   1.00 2.27 ? 37 LYS A CB   1 
ATOM 581 C CG   . LYS A 1 37 ? 1.704   -5.289  6.172   1.00 1.83 ? 37 LYS A CG   1 
ATOM 582 C CD   . LYS A 1 37 ? 0.527   -5.054  7.124   1.00 2.38 ? 37 LYS A CD   1 
ATOM 583 C CE   . LYS A 1 37 ? 0.057   -6.388  7.718   1.00 2.73 ? 37 LYS A CE   1 
ATOM 584 N NZ   . LYS A 1 37 ? 1.044   -6.893  8.720   1.00 3.16 ? 37 LYS A NZ   1 
ATOM 585 H H    . LYS A 1 37 ? 4.589   -2.588  6.376   1.00 0.00 ? 37 LYS A H    1 
ATOM 586 H HA   . LYS A 1 37 ? 4.233   -5.210  5.416   1.00 0.00 ? 37 LYS A HA   1 
ATOM 587 H HB2  . LYS A 1 37 ? 2.958   -3.866  7.179   1.00 0.00 ? 37 LYS A HB2  1 
ATOM 588 H HB3  . LYS A 1 37 ? 2.035   -3.200  5.854   1.00 0.00 ? 37 LYS A HB3  1 
ATOM 589 H HG2  . LYS A 1 37 ? 1.332   -5.446  5.170   1.00 0.00 ? 37 LYS A HG2  1 
ATOM 590 H HG3  . LYS A 1 37 ? 2.265   -6.150  6.498   1.00 0.00 ? 37 LYS A HG3  1 
ATOM 591 H HD2  . LYS A 1 37 ? 0.832   -4.389  7.920   1.00 0.00 ? 37 LYS A HD2  1 
ATOM 592 H HD3  . LYS A 1 37 ? -0.289  -4.601  6.579   1.00 0.00 ? 37 LYS A HD3  1 
ATOM 593 H HE2  . LYS A 1 37 ? -0.899  -6.246  8.201   1.00 0.00 ? 37 LYS A HE2  1 
ATOM 594 H HE3  . LYS A 1 37 ? -0.053  -7.112  6.923   1.00 0.00 ? 37 LYS A HE3  1 
ATOM 595 H HZ1  . LYS A 1 37 ? 1.379   -6.111  9.320   1.00 0.00 ? 37 LYS A HZ1  1 
ATOM 596 H HZ2  . LYS A 1 37 ? 0.590   -7.608  9.325   1.00 0.00 ? 37 LYS A HZ2  1 
ATOM 597 H HZ3  . LYS A 1 37 ? 1.852   -7.329  8.230   1.00 0.00 ? 37 LYS A HZ3  1 
ATOM 598 N N    . VAL A 1 38 ? 2.712   -3.000  3.493   1.00 2.97 ? 38 VAL A N    1 
ATOM 599 C CA   . VAL A 1 38 ? 2.130   -2.668  2.160   1.00 3.52 ? 38 VAL A CA   1 
ATOM 600 C C    . VAL A 1 38 ? 3.186   -2.133  1.184   1.00 3.20 ? 38 VAL A C    1 
ATOM 601 O O    . VAL A 1 38 ? 3.086   -2.446  0.011   1.00 3.53 ? 38 VAL A O    1 
ATOM 602 C CB   . VAL A 1 38 ? 1.009   -1.650  2.425   1.00 3.05 ? 38 VAL A CB   1 
ATOM 603 C CG1  . VAL A 1 38 ? 0.304   -1.203  1.150   1.00 3.63 ? 38 VAL A CG1  1 
ATOM 604 C CG2  . VAL A 1 38 ? -0.051  -2.249  3.351   1.00 2.90 ? 38 VAL A CG2  1 
ATOM 605 H H    . VAL A 1 38 ? 2.621   -2.326  4.202   1.00 0.00 ? 38 VAL A H    1 
ATOM 606 H HA   . VAL A 1 38 ? 1.693   -3.554  1.734   1.00 0.00 ? 38 VAL A HA   1 
ATOM 607 H HB   . VAL A 1 38 ? 1.436   -0.787  2.909   1.00 0.00 ? 38 VAL A HB   1 
ATOM 608 H HG11 . VAL A 1 38 ? 1.040   -0.936  0.409   1.00 0.00 ? 38 VAL A HG11 1 
ATOM 609 H HG12 . VAL A 1 38 ? -0.322  -2.000  0.781   1.00 0.00 ? 38 VAL A HG12 1 
ATOM 610 H HG13 . VAL A 1 38 ? -0.301  -0.338  1.382   1.00 0.00 ? 38 VAL A HG13 1 
ATOM 611 H HG21 . VAL A 1 38 ? -0.405  -3.181  2.938   1.00 0.00 ? 38 VAL A HG21 1 
ATOM 612 H HG22 . VAL A 1 38 ? 0.378   -2.423  4.326   1.00 0.00 ? 38 VAL A HG22 1 
ATOM 613 H HG23 . VAL A 1 38 ? -0.877  -1.559  3.440   1.00 0.00 ? 38 VAL A HG23 1 
ATOM 614 N N    . MET A 1 39 ? 4.160   -1.362  1.627   1.00 2.16 ? 39 MET A N    1 
ATOM 615 C CA   . MET A 1 39 ? 5.203   -0.824  0.691   1.00 2.46 ? 39 MET A CA   1 
ATOM 616 C C    . MET A 1 39 ? 6.014   -1.980  0.114   1.00 1.18 ? 39 MET A C    1 
ATOM 617 O O    . MET A 1 39 ? 6.323   -1.960  -1.062  1.00 1.05 ? 39 MET A O    1 
ATOM 618 C CB   . MET A 1 39 ? 6.171   0.160   1.357   1.00 1.75 ? 39 MET A CB   1 
ATOM 619 C CG   . MET A 1 39 ? 5.452   1.351   2.005   1.00 1.56 ? 39 MET A CG   1 
ATOM 620 S SD   . MET A 1 39 ? 5.457   2.781   0.895   1.00 1.63 ? 39 MET A SD   1 
ATOM 621 C CE   . MET A 1 39 ? 4.279   3.788   1.829   1.00 1.80 ? 39 MET A CE   1 
ATOM 622 H H    . MET A 1 39 ? 4.216   -1.128  2.584   1.00 0.00 ? 39 MET A H    1 
ATOM 623 H HA   . MET A 1 39 ? 4.695   -0.337  -0.124  1.00 0.00 ? 39 MET A HA   1 
ATOM 624 H HB2  . MET A 1 39 ? 6.733   -0.363  2.116   1.00 0.00 ? 39 MET A HB2  1 
ATOM 625 H HB3  . MET A 1 39 ? 6.859   0.524   0.610   1.00 0.00 ? 39 MET A HB3  1 
ATOM 626 H HG2  . MET A 1 39 ? 4.434   1.094   2.280   1.00 0.00 ? 39 MET A HG2  1 
ATOM 627 H HG3  . MET A 1 39 ? 5.988   1.592   2.906   1.00 0.00 ? 39 MET A HG3  1 
ATOM 628 H HE1  . MET A 1 39 ? 3.607   3.136   2.370   1.00 0.00 ? 39 MET A HE1  1 
ATOM 629 H HE2  . MET A 1 39 ? 4.806   4.411   2.534   1.00 0.00 ? 39 MET A HE2  1 
ATOM 630 H HE3  . MET A 1 39 ? 3.722   4.414   1.146   1.00 0.00 ? 39 MET A HE3  1 
ATOM 631 N N    . ALA A 1 40 ? 6.336   -2.962  0.928   1.00 1.17 ? 40 ALA A N    1 
ATOM 632 C CA   . ALA A 1 40 ? 7.120   -4.152  0.467   1.00 1.54 ? 40 ALA A CA   1 
ATOM 633 C C    . ALA A 1 40 ? 6.434   -4.786  -0.754  1.00 1.60 ? 40 ALA A C    1 
ATOM 634 O O    . ALA A 1 40 ? 7.116   -5.288  -1.623  1.00 1.14 ? 40 ALA A O    1 
ATOM 635 C CB   . ALA A 1 40 ? 7.199   -5.192  1.591   1.00 1.49 ? 40 ALA A CB   1 
ATOM 636 H H    . ALA A 1 40 ? 6.048   -2.918  1.866   1.00 0.00 ? 40 ALA A H    1 
ATOM 637 H HA   . ALA A 1 40 ? 8.117   -3.838  0.196   1.00 0.00 ? 40 ALA A HA   1 
ATOM 638 H HB1  . ALA A 1 40 ? 6.201   -5.489  1.877   1.00 0.00 ? 40 ALA A HB1  1 
ATOM 639 H HB2  . ALA A 1 40 ? 7.746   -6.056  1.243   1.00 0.00 ? 40 ALA A HB2  1 
ATOM 640 H HB3  . ALA A 1 40 ? 7.707   -4.765  2.443   1.00 0.00 ? 40 ALA A HB3  1 
ATOM 641 N N    . VAL A 1 41 ? 5.117   -4.749  -0.811  1.00 1.41 ? 41 VAL A N    1 
ATOM 642 C CA   . VAL A 1 41 ? 4.334   -5.322  -1.945  1.00 1.52 ? 41 VAL A CA   1 
ATOM 643 C C    . VAL A 1 41 ? 4.310   -4.286  -3.080  1.00 1.82 ? 41 VAL A C    1 
ATOM 644 O O    . VAL A 1 41 ? 4.655   -4.601  -4.202  1.00 1.70 ? 41 VAL A O    1 
ATOM 645 C CB   . VAL A 1 41 ? 2.946   -5.707  -1.380  1.00 1.63 ? 41 VAL A CB   1 
ATOM 646 C CG1  . VAL A 1 41 ? 1.780   -4.960  -2.020  1.00 1.85 ? 41 VAL A CG1  1 
ATOM 647 C CG2  . VAL A 1 41 ? 2.721   -7.212  -1.546  1.00 2.12 ? 41 VAL A CG2  1 
ATOM 648 H H    . VAL A 1 41 ? 4.610   -4.320  -0.087  1.00 0.00 ? 41 VAL A H    1 
ATOM 649 H HA   . VAL A 1 41 ? 4.829   -6.207  -2.323  1.00 0.00 ? 41 VAL A HA   1 
ATOM 650 H HB   . VAL A 1 41 ? 2.915   -5.473  -0.329  1.00 0.00 ? 41 VAL A HB   1 
ATOM 651 H HG11 . VAL A 1 41 ? 1.841   -5.051  -3.092  1.00 0.00 ? 41 VAL A HG11 1 
ATOM 652 H HG12 . VAL A 1 41 ? 0.856   -5.390  -1.664  1.00 0.00 ? 41 VAL A HG12 1 
ATOM 653 H HG13 . VAL A 1 41 ? 1.828   -3.919  -1.733  1.00 0.00 ? 41 VAL A HG13 1 
ATOM 654 H HG21 . VAL A 1 41 ? 3.669   -7.730  -1.506  1.00 0.00 ? 41 VAL A HG21 1 
ATOM 655 H HG22 . VAL A 1 41 ? 2.082   -7.569  -0.755  1.00 0.00 ? 41 VAL A HG22 1 
ATOM 656 H HG23 . VAL A 1 41 ? 2.252   -7.400  -2.501  1.00 0.00 ? 41 VAL A HG23 1 
ATOM 657 N N    . VAL A 1 42 ? 3.917   -3.065  -2.799  1.00 2.06 ? 42 VAL A N    1 
ATOM 658 C CA   . VAL A 1 42 ? 3.862   -1.985  -3.836  1.00 1.98 ? 42 VAL A CA   1 
ATOM 659 C C    . VAL A 1 42 ? 5.208   -1.875  -4.566  1.00 1.61 ? 42 VAL A C    1 
ATOM 660 O O    . VAL A 1 42 ? 5.224   -1.801  -5.782  1.00 1.44 ? 42 VAL A O    1 
ATOM 661 C CB   . VAL A 1 42 ? 3.469   -0.656  -3.169  1.00 2.04 ? 42 VAL A CB   1 
ATOM 662 C CG1  . VAL A 1 42 ? 3.511   0.509   -4.164  1.00 2.26 ? 42 VAL A CG1  1 
ATOM 663 C CG2  . VAL A 1 42 ? 2.047   -0.772  -2.612  1.00 1.62 ? 42 VAL A CG2  1 
ATOM 664 H H    . VAL A 1 42 ? 3.655   -2.853  -1.877  1.00 0.00 ? 42 VAL A H    1 
ATOM 665 H HA   . VAL A 1 42 ? 3.116   -2.259  -4.567  1.00 0.00 ? 42 VAL A HA   1 
ATOM 666 H HB   . VAL A 1 42 ? 4.149   -0.450  -2.355  1.00 0.00 ? 42 VAL A HB   1 
ATOM 667 H HG11 . VAL A 1 42 ? 4.484   0.553   -4.631  1.00 0.00 ? 42 VAL A HG11 1 
ATOM 668 H HG12 . VAL A 1 42 ? 2.753   0.368   -4.921  1.00 0.00 ? 42 VAL A HG12 1 
ATOM 669 H HG13 . VAL A 1 42 ? 3.326   1.433   -3.638  1.00 0.00 ? 42 VAL A HG13 1 
ATOM 670 H HG21 . VAL A 1 42 ? 1.998   -1.583  -1.901  1.00 0.00 ? 42 VAL A HG21 1 
ATOM 671 H HG22 . VAL A 1 42 ? 1.775   0.151   -2.123  1.00 0.00 ? 42 VAL A HG22 1 
ATOM 672 H HG23 . VAL A 1 42 ? 1.358   -0.963  -3.423  1.00 0.00 ? 42 VAL A HG23 1 
ATOM 673 N N    . ARG A 1 43 ? 6.303   -1.865  -3.842  1.00 2.24 ? 43 ARG A N    1 
ATOM 674 C CA   . ARG A 1 43 ? 7.650   -1.762  -4.455  1.00 2.51 ? 43 ARG A CA   1 
ATOM 675 C C    . ARG A 1 43 ? 8.169   -3.100  -5.005  1.00 2.77 ? 43 ARG A C    1 
ATOM 676 O O    . ARG A 1 43 ? 8.980   -3.075  -5.913  1.00 2.71 ? 43 ARG A O    1 
ATOM 677 C CB   . ARG A 1 43 ? 8.606   -1.121  -3.442  1.00 2.59 ? 43 ARG A CB   1 
ATOM 678 C CG   . ARG A 1 43 ? 9.061   -2.115  -2.363  1.00 2.41 ? 43 ARG A CG   1 
ATOM 679 C CD   . ARG A 1 43 ? 10.501  -2.573  -2.631  1.00 1.63 ? 43 ARG A CD   1 
ATOM 680 N NE   . ARG A 1 43 ? 11.460  -1.484  -2.278  1.00 2.09 ? 43 ARG A NE   1 
ATOM 681 C CZ   . ARG A 1 43 ? 12.748  -1.675  -2.390  1.00 1.92 ? 43 ARG A CZ   1 
ATOM 682 N NH1  . ARG A 1 43 ? 13.348  -1.406  -3.523  1.00 2.54 ? 43 ARG A NH1  1 
ATOM 683 N NH2  . ARG A 1 43 ? 13.424  -2.136  -1.368  1.00 1.76 ? 43 ARG A NH2  1 
ATOM 684 H H    . ARG A 1 43 ? 6.262   -1.923  -2.872  1.00 0.00 ? 43 ARG A H    1 
ATOM 685 H HA   . ARG A 1 43 ? 7.528   -1.100  -5.288  1.00 0.00 ? 43 ARG A HA   1 
ATOM 686 H HB2  . ARG A 1 43 ? 9.461   -0.751  -3.971  1.00 0.00 ? 43 ARG A HB2  1 
ATOM 687 H HB3  . ARG A 1 43 ? 8.103   -0.289  -2.969  1.00 0.00 ? 43 ARG A HB3  1 
ATOM 688 H HG2  . ARG A 1 43 ? 9.014   -1.634  -1.396  1.00 0.00 ? 43 ARG A HG2  1 
ATOM 689 H HG3  . ARG A 1 43 ? 8.409   -2.975  -2.362  1.00 0.00 ? 43 ARG A HG3  1 
ATOM 690 H HD2  . ARG A 1 43 ? 10.716  -3.446  -2.033  1.00 0.00 ? 43 ARG A HD2  1 
ATOM 691 H HD3  . ARG A 1 43 ? 10.606  -2.823  -3.676  1.00 0.00 ? 43 ARG A HD3  1 
ATOM 692 H HE   . ARG A 1 43 ? 11.125  -0.619  -1.959  1.00 0.00 ? 43 ARG A HE   1 
ATOM 693 H HH11 . ARG A 1 43 ? 12.820  -1.054  -4.297  1.00 0.00 ? 43 ARG A HH11 1 
ATOM 694 H HH12 . ARG A 1 43 ? 14.332  -1.548  -3.623  1.00 0.00 ? 43 ARG A HH12 1 
ATOM 695 H HH21 . ARG A 1 43 ? 12.956  -2.339  -0.507  1.00 0.00 ? 43 ARG A HH21 1 
ATOM 696 H HH22 . ARG A 1 43 ? 14.410  -2.288  -1.440  1.00 0.00 ? 43 ARG A HH22 1 
ATOM 697 N N    . GLU A 1 44 ? 7.722   -4.229  -4.497  1.00 2.56 ? 44 GLU A N    1 
ATOM 698 C CA   . GLU A 1 44 ? 8.208   -5.541  -5.034  1.00 3.19 ? 44 GLU A CA   1 
ATOM 699 C C    . GLU A 1 44 ? 7.518   -5.785  -6.380  1.00 4.08 ? 44 GLU A C    1 
ATOM 700 O O    . GLU A 1 44 ? 8.105   -6.349  -7.285  1.00 3.23 ? 44 GLU A O    1 
ATOM 701 C CB   . GLU A 1 44 ? 8.018   -6.709  -4.050  1.00 3.37 ? 44 GLU A CB   1 
ATOM 702 C CG   . GLU A 1 44 ? 6.559   -7.162  -3.906  1.00 3.39 ? 44 GLU A CG   1 
ATOM 703 C CD   . GLU A 1 44 ? 6.416   -8.643  -4.271  1.00 3.73 ? 44 GLU A CD   1 
ATOM 704 O OE1  . GLU A 1 44 ? 6.513   -8.964  -5.445  1.00 3.53 ? 44 GLU A OE1  1 
ATOM 705 O OE2  . GLU A 1 44 ? 6.211   -9.434  -3.366  1.00 3.22 ? 44 GLU A OE2  1 
ATOM 706 H H    . GLU A 1 44 ? 7.063   -4.203  -3.776  1.00 0.00 ? 44 GLU A H    1 
ATOM 707 H HA   . GLU A 1 44 ? 9.258   -5.417  -5.249  1.00 0.00 ? 44 GLU A HA   1 
ATOM 708 H HB2  . GLU A 1 44 ? 8.602   -7.547  -4.399  1.00 0.00 ? 44 GLU A HB2  1 
ATOM 709 H HB3  . GLU A 1 44 ? 8.395   -6.411  -3.084  1.00 0.00 ? 44 GLU A HB3  1 
ATOM 710 H HG2  . GLU A 1 44 ? 6.260   -7.026  -2.879  1.00 0.00 ? 44 GLU A HG2  1 
ATOM 711 H HG3  . GLU A 1 44 ? 5.921   -6.573  -4.545  1.00 0.00 ? 44 GLU A HG3  1 
ATOM 712 N N    . HIS A 1 45 ? 6.288   -5.340  -6.504  1.00 2.98 ? 45 HIS A N    1 
ATOM 713 C CA   . HIS A 1 45 ? 5.493   -5.481  -7.751  1.00 3.39 ? 45 HIS A CA   1 
ATOM 714 C C    . HIS A 1 45 ? 5.740   -4.250  -8.646  1.00 2.85 ? 45 HIS A C    1 
ATOM 715 O O    . HIS A 1 45 ? 5.484   -4.312  -9.834  1.00 3.28 ? 45 HIS A O    1 
ATOM 716 C CB   . HIS A 1 45 ? 4.029   -5.553  -7.321  1.00 3.29 ? 45 HIS A CB   1 
ATOM 717 C CG   . HIS A 1 45 ? 3.770   -6.836  -6.576  1.00 3.69 ? 45 HIS A CG   1 
ATOM 718 N ND1  . HIS A 1 45 ? 3.716   -8.080  -7.185  1.00 2.97 ? 45 HIS A ND1  1 
ATOM 719 C CD2  . HIS A 1 45 ? 3.550   -7.070  -5.244  1.00 2.66 ? 45 HIS A CD2  1 
ATOM 720 C CE1  . HIS A 1 45 ? 3.471   -8.987  -6.221  1.00 3.11 ? 45 HIS A CE1  1 
ATOM 721 N NE2  . HIS A 1 45 ? 3.360   -8.426  -5.017  1.00 3.39 ? 45 HIS A NE2  1 
ATOM 722 H H    . HIS A 1 45 ? 5.847   -4.875  -5.757  1.00 0.00 ? 45 HIS A H    1 
ATOM 723 H HA   . HIS A 1 45 ? 5.767   -6.385  -8.273  1.00 0.00 ? 45 HIS A HA   1 
ATOM 724 H HB2  . HIS A 1 45 ? 3.810   -4.713  -6.676  1.00 0.00 ? 45 HIS A HB2  1 
ATOM 725 H HB3  . HIS A 1 45 ? 3.408   -5.499  -8.190  1.00 0.00 ? 45 HIS A HB3  1 
ATOM 726 H HD1  . HIS A 1 45 ? 3.837   -8.268  -8.139  1.00 0.00 ? 45 HIS A HD1  1 
ATOM 727 H HD2  . HIS A 1 45 ? 3.542   -6.309  -4.484  1.00 0.00 ? 45 HIS A HD2  1 
ATOM 728 H HE1  . HIS A 1 45 ? 3.382   -10.046 -6.389  1.00 0.00 ? 45 HIS A HE1  1 
ATOM 729 N N    . ASN A 1 46 ? 6.226   -3.156  -8.079  1.00 3.59 ? 46 ASN A N    1 
ATOM 730 C CA   . ASN A 1 46 ? 6.523   -1.875  -8.800  1.00 3.12 ? 46 ASN A CA   1 
ATOM 731 C C    . ASN A 1 46 ? 5.218   -1.185  -9.226  1.00 3.50 ? 46 ASN A C    1 
ATOM 732 O O    . ASN A 1 46 ? 5.138   -0.529  -10.254 1.00 3.28 ? 46 ASN A O    1 
ATOM 733 C CB   . ASN A 1 46 ? 7.407   -2.169  -10.009 1.00 2.90 ? 46 ASN A CB   1 
ATOM 734 C CG   . ASN A 1 46 ? 8.200   -0.927  -10.440 1.00 3.32 ? 46 ASN A CG   1 
ATOM 735 O OD1  . ASN A 1 46 ? 9.172   -0.565  -9.806  1.00 3.62 ? 46 ASN A OD1  1 
ATOM 736 N ND2  . ASN A 1 46 ? 7.838   -0.246  -11.494 1.00 3.49 ? 46 ASN A ND2  1 
ATOM 737 H H    . ASN A 1 46 ? 6.406   -3.166  -7.120  1.00 0.00 ? 46 ASN A H    1 
ATOM 738 H HA   . ASN A 1 46 ? 7.052   -1.217  -8.125  1.00 0.00 ? 46 ASN A HA   1 
ATOM 739 H HB2  . ASN A 1 46 ? 8.080   -2.972  -9.757  1.00 0.00 ? 46 ASN A HB2  1 
ATOM 740 H HB3  . ASN A 1 46 ? 6.754   -2.478  -10.803 1.00 0.00 ? 46 ASN A HB3  1 
ATOM 741 H HD21 . ASN A 1 46 ? 7.056   -0.523  -12.017 1.00 0.00 ? 46 ASN A HD21 1 
ATOM 742 H HD22 . ASN A 1 46 ? 8.352   0.544   -11.766 1.00 0.00 ? 46 ASN A HD22 1 
ATOM 743 N N    . TYR A 1 47 ? 4.201   -1.338  -8.418  1.00 3.99 ? 47 TYR A N    1 
ATOM 744 C CA   . TYR A 1 47 ? 2.866   -0.725  -8.689  1.00 4.14 ? 47 TYR A CA   1 
ATOM 745 C C    . TYR A 1 47 ? 2.893   0.765   -8.319  1.00 5.00 ? 47 TYR A C    1 
ATOM 746 O O    . TYR A 1 47 ? 3.322   1.129   -7.238  1.00 5.19 ? 47 TYR A O    1 
ATOM 747 C CB   . TYR A 1 47 ? 1.787   -1.464  -7.886  1.00 4.37 ? 47 TYR A CB   1 
ATOM 748 C CG   . TYR A 1 47 ? 0.404   -0.995  -8.289  1.00 3.98 ? 47 TYR A CG   1 
ATOM 749 C CD1  . TYR A 1 47 ? 0.094   -0.779  -9.636  1.00 3.87 ? 47 TYR A CD1  1 
ATOM 750 C CD2  . TYR A 1 47 ? -0.567  -0.774  -7.308  1.00 4.03 ? 47 TYR A CD2  1 
ATOM 751 C CE1  . TYR A 1 47 ? -1.183  -0.343  -10.003 1.00 4.65 ? 47 TYR A CE1  1 
ATOM 752 C CE2  . TYR A 1 47 ? -1.846  -0.337  -7.672  1.00 4.45 ? 47 TYR A CE2  1 
ATOM 753 C CZ   . TYR A 1 47 ? -2.154  -0.122  -9.020  1.00 4.61 ? 47 TYR A CZ   1 
ATOM 754 O OH   . TYR A 1 47 ? -3.413  0.305   -9.382  1.00 4.91 ? 47 TYR A OH   1 
ATOM 755 H H    . TYR A 1 47 ? 4.331   -1.871  -7.609  1.00 0.00 ? 47 TYR A H    1 
ATOM 756 H HA   . TYR A 1 47 ? 2.654   -0.820  -9.744  1.00 0.00 ? 47 TYR A HA   1 
ATOM 757 H HB2  . TYR A 1 47 ? 1.872   -2.524  -8.070  1.00 0.00 ? 47 TYR A HB2  1 
ATOM 758 H HB3  . TYR A 1 47 ? 1.937   -1.273  -6.833  1.00 0.00 ? 47 TYR A HB3  1 
ATOM 759 H HD1  . TYR A 1 47 ? 0.847   -0.953  -10.389 1.00 0.00 ? 47 TYR A HD1  1 
ATOM 760 H HD2  . TYR A 1 47 ? -0.326  -0.943  -6.267  1.00 0.00 ? 47 TYR A HD2  1 
ATOM 761 H HE1  . TYR A 1 47 ? -1.417  -0.177  -11.044 1.00 0.00 ? 47 TYR A HE1  1 
ATOM 762 H HE2  . TYR A 1 47 ? -2.594  -0.166  -6.912  1.00 0.00 ? 47 TYR A HE2  1 
ATOM 763 H HH   . TYR A 1 47 ? -3.966  -0.468  -9.519  1.00 0.00 ? 47 TYR A HH   1 
ATOM 764 N N    . HIS A 1 48 ? 2.439   1.606   -9.219  1.00 5.28 ? 48 HIS A N    1 
ATOM 765 C CA   . HIS A 1 48 ? 2.407   3.089   -8.997  1.00 3.01 ? 48 HIS A CA   1 
ATOM 766 C C    . HIS A 1 48 ? 0.987   3.568   -8.637  1.00 2.36 ? 48 HIS A C    1 
ATOM 767 O O    . HIS A 1 48 ? 0.015   2.908   -8.966  1.00 2.21 ? 48 HIS A O    1 
ATOM 768 C CB   . HIS A 1 48 ? 2.906   3.791   -10.268 1.00 3.15 ? 48 HIS A CB   1 
ATOM 769 C CG   . HIS A 1 48 ? 4.400   3.634   -10.377 1.00 2.63 ? 48 HIS A CG   1 
ATOM 770 N ND1  . HIS A 1 48 ? 5.286   4.609   -9.945  1.00 2.56 ? 48 HIS A ND1  1 
ATOM 771 C CD2  . HIS A 1 48 ? 5.180   2.615   -10.870 1.00 2.34 ? 48 HIS A CD2  1 
ATOM 772 C CE1  . HIS A 1 48 ? 6.532   4.163   -10.182 1.00 2.21 ? 48 HIS A CE1  1 
ATOM 773 N NE2  . HIS A 1 48 ? 6.526   2.952   -10.745 1.00 2.06 ? 48 HIS A NE2  1 
ATOM 774 H H    . HIS A 1 48 ? 2.107   1.255   -10.072 1.00 0.00 ? 48 HIS A H    1 
ATOM 775 H HA   . HIS A 1 48 ? 3.071   3.335   -8.181  1.00 0.00 ? 48 HIS A HA   1 
ATOM 776 H HB2  . HIS A 1 48 ? 2.432   3.351   -11.132 1.00 0.00 ? 48 HIS A HB2  1 
ATOM 777 H HB3  . HIS A 1 48 ? 2.658   4.841   -10.220 1.00 0.00 ? 48 HIS A HB3  1 
ATOM 778 H HD1  . HIS A 1 48 ? 5.050   5.468   -9.537  1.00 0.00 ? 48 HIS A HD1  1 
ATOM 779 H HD2  . HIS A 1 48 ? 4.808   1.692   -11.289 1.00 0.00 ? 48 HIS A HD2  1 
ATOM 780 H HE1  . HIS A 1 48 ? 7.429   4.717   -9.946  1.00 0.00 ? 48 HIS A HE1  1 
ATOM 781 N N    . PRO A 1 49 ? 0.901   4.701   -7.968  1.00 2.13 ? 49 PRO A N    1 
ATOM 782 C CA   . PRO A 1 49 ? -0.396  5.302   -7.540  1.00 2.58 ? 49 PRO A CA   1 
ATOM 783 C C    . PRO A 1 49 ? -1.209  5.861   -8.721  1.00 3.09 ? 49 PRO A C    1 
ATOM 784 O O    . PRO A 1 49 ? -0.804  6.810   -9.372  1.00 2.93 ? 49 PRO A O    1 
ATOM 785 C CB   . PRO A 1 49 ? 0.022   6.385   -6.542  1.00 2.59 ? 49 PRO A CB   1 
ATOM 786 C CG   . PRO A 1 49 ? 1.463   6.764   -6.901  1.00 2.83 ? 49 PRO A CG   1 
ATOM 787 C CD   . PRO A 1 49 ? 2.074   5.522   -7.558  1.00 2.88 ? 49 PRO A CD   1 
ATOM 788 H HA   . PRO A 1 49 ? -0.981  4.565   -7.012  1.00 0.00 ? 49 PRO A HA   1 
ATOM 789 H HB2  . PRO A 1 49 ? -0.634  7.241   -6.630  1.00 0.00 ? 49 PRO A HB2  1 
ATOM 790 H HB3  . PRO A 1 49 ? -0.004  5.993   -5.538  1.00 0.00 ? 49 PRO A HB3  1 
ATOM 791 H HG2  . PRO A 1 49 ? 1.466   7.599   -7.588  1.00 0.00 ? 49 PRO A HG2  1 
ATOM 792 H HG3  . PRO A 1 49 ? 2.022   7.006   -6.010  1.00 0.00 ? 49 PRO A HG3  1 
ATOM 793 H HD2  . PRO A 1 49 ? 2.671   5.800   -8.415  1.00 0.00 ? 49 PRO A HD2  1 
ATOM 794 H HD3  . PRO A 1 49 ? 2.667   4.971   -6.845  1.00 0.00 ? 49 PRO A HD3  1 
ATOM 795 N N    . ASN A 1 50 ? -2.350  5.260   -8.974  1.00 3.38 ? 50 ASN A N    1 
ATOM 796 C CA   . ASN A 1 50 ? -3.261  5.680   -10.085 1.00 3.67 ? 50 ASN A CA   1 
ATOM 797 C C    . ASN A 1 50 ? -4.722  5.409   -9.673  1.00 3.17 ? 50 ASN A C    1 
ATOM 798 O O    . ASN A 1 50 ? -5.434  6.375   -9.449  1.00 3.32 ? 50 ASN A O    1 
ATOM 799 C CB   . ASN A 1 50 ? -2.866  4.925   -11.367 1.00 3.48 ? 50 ASN A CB   1 
ATOM 800 C CG   . ASN A 1 50 ? -3.817  5.266   -12.522 1.00 3.41 ? 50 ASN A CG   1 
ATOM 801 O OD1  . ASN A 1 50 ? -3.571  6.185   -13.278 1.00 3.67 ? 50 ASN A OD1  1 
ATOM 802 N ND2  . ASN A 1 50 ? -4.903  4.560   -12.698 1.00 3.82 ? 50 ASN A ND2  1 
ATOM 803 H H    . ASN A 1 50 ? -2.620  4.502   -8.414  1.00 0.00 ? 50 ASN A H    1 
ATOM 804 H HA   . ASN A 1 50 ? -3.138  6.744   -10.242 1.00 0.00 ? 50 ASN A HA   1 
ATOM 805 H HB2  . ASN A 1 50 ? -1.860  5.202   -11.643 1.00 0.00 ? 50 ASN A HB2  1 
ATOM 806 H HB3  . ASN A 1 50 ? -2.902  3.862   -11.177 1.00 0.00 ? 50 ASN A HB3  1 
ATOM 807 H HD21 . ASN A 1 50 ? -5.110  3.817   -12.093 1.00 0.00 ? 50 ASN A HD21 1 
ATOM 808 H HD22 . ASN A 1 50 ? -5.511  4.776   -13.434 1.00 0.00 ? 50 ASN A HD22 1 
# 
